data_4Q47
#
_entry.id   4Q47
#
_cell.length_a   84.756
_cell.length_b   95.610
_cell.length_c   183.832
_cell.angle_alpha   90.00
_cell.angle_beta   90.00
_cell.angle_gamma   90.00
#
_symmetry.space_group_name_H-M   'P 21 21 21'
#
loop_
_entity.id
_entity.type
_entity.pdbx_description
1 polymer 'DNA helicase RecQ'
2 non-polymer "ADENOSINE-5'-DIPHOSPHATE"
3 non-polymer 'ZINC ION'
#
_entity_poly.entity_id   1
_entity_poly.type   'polypeptide(L)'
_entity_poly.pdbx_seq_one_letter_code
;MTAAPAALHDRALHLLQTIWGYPAFRGVQGEIVQQVAEGGNALVLMPTGGGKSLCYQLPSLLRPGTGIVVSPLIALMKDQ
VDTLRQNGVRAAFLNSTLLPHEAREVEDALLRGDLDLLYVAPERLLMPRTLDLLERAPVALFAIDEAHCVSQWGHDFRPE
YQQLSVLAERFPELPRVALTATADERTRADIKSVLRLEDAPQFVSSFDRPNIQYRVGLKDSPKTQLLHFIREEHPGDAGI
VYCLSRKSVEETAKWLQAQGIDALAYHAGLSSTERNNVQERFLNEEGVIVCATVAFGMGIDKPNVRFVAHLDLPKSMEGY
YQETGRAGRDGLPSTAWMVYGLSDVVNVRRMLAQSDAPEEVKRVEASKLDALLTYCEAATCRRQVLLHYFGEELSEPCGN
CDVCLNPPRVRDLTREAQMALSATIRTGNRFGAAHLTDVLLGRETDKVLAQGHHQLPTFGVGKEHDEKLWRSVLRQLVSL
GYLSADDHFGLRATGKSRGILKEGQKLLLREDTLLPGLEHHHHHH
;
_entity_poly.pdbx_strand_id   A,B
#
# COMPACT_ATOMS: atom_id res chain seq x y z
N PRO A 5 -12.39 11.86 -7.71
CA PRO A 5 -12.95 10.61 -8.26
C PRO A 5 -12.03 9.42 -8.03
N ALA A 6 -12.16 8.41 -8.88
CA ALA A 6 -11.14 7.38 -8.99
C ALA A 6 -10.02 7.89 -9.93
N ALA A 7 -10.35 8.92 -10.72
CA ALA A 7 -9.40 9.50 -11.66
C ALA A 7 -8.43 10.42 -10.92
N LEU A 8 -8.80 10.81 -9.71
CA LEU A 8 -7.85 11.49 -8.84
C LEU A 8 -6.89 10.52 -8.22
N HIS A 9 -7.43 9.45 -7.67
CA HIS A 9 -6.61 8.39 -7.11
C HIS A 9 -5.59 7.84 -8.09
N ASP A 10 -6.04 7.45 -9.28
CA ASP A 10 -5.11 7.00 -10.32
C ASP A 10 -3.99 8.00 -10.52
N ARG A 11 -4.35 9.27 -10.56
CA ARG A 11 -3.41 10.35 -10.76
C ARG A 11 -2.35 10.36 -9.66
N ALA A 12 -2.78 10.20 -8.41
CA ALA A 12 -1.86 10.28 -7.28
C ALA A 12 -0.86 9.14 -7.32
N LEU A 13 -1.35 7.98 -7.73
CA LEU A 13 -0.53 6.79 -7.78
C LEU A 13 0.62 6.99 -8.77
N HIS A 14 0.29 7.44 -9.98
CA HIS A 14 1.29 7.66 -11.01
C HIS A 14 2.34 8.66 -10.52
N LEU A 15 1.97 9.45 -9.51
CA LEU A 15 2.96 10.32 -8.87
C LEU A 15 3.79 9.54 -7.84
N LEU A 16 3.12 8.68 -7.11
CA LEU A 16 3.78 7.91 -6.07
C LEU A 16 4.91 7.07 -6.66
N GLN A 17 4.61 6.43 -7.79
CA GLN A 17 5.50 5.54 -8.49
C GLN A 17 6.69 6.27 -9.09
N THR A 18 6.36 7.27 -9.91
CA THR A 18 7.33 7.98 -10.70
C THR A 18 8.24 8.92 -9.89
N ILE A 19 7.88 9.22 -8.66
CA ILE A 19 8.68 10.18 -7.91
C ILE A 19 9.35 9.62 -6.64
N TRP A 20 8.56 9.17 -5.67
CA TRP A 20 9.13 8.62 -4.44
C TRP A 20 9.48 7.14 -4.56
N GLY A 21 9.19 6.58 -5.73
CA GLY A 21 9.48 5.20 -6.02
C GLY A 21 8.66 4.22 -5.18
N TYR A 22 7.84 4.72 -4.28
CA TYR A 22 7.05 3.82 -3.46
C TYR A 22 6.00 3.14 -4.34
N PRO A 23 5.79 1.83 -4.11
CA PRO A 23 4.79 1.05 -4.85
C PRO A 23 3.35 1.38 -4.45
N ALA A 24 3.10 1.63 -3.17
CA ALA A 24 1.74 1.79 -2.69
C ALA A 24 1.65 2.53 -1.37
N PHE A 25 0.44 2.97 -1.04
CA PHE A 25 0.26 3.81 0.13
C PHE A 25 0.29 2.99 1.42
N ARG A 26 1.08 3.46 2.38
CA ARG A 26 1.26 2.84 3.68
C ARG A 26 0.24 3.36 4.67
N GLY A 27 -0.51 2.41 5.25
CA GLY A 27 -1.52 2.72 6.24
C GLY A 27 -2.60 3.56 5.61
N VAL A 28 -2.88 4.69 6.23
CA VAL A 28 -3.96 5.56 5.81
C VAL A 28 -3.53 6.70 4.86
N GLN A 29 -2.28 6.69 4.38
CA GLN A 29 -1.79 7.78 3.54
C GLN A 29 -2.74 8.17 2.41
N GLY A 30 -3.07 7.18 1.58
CA GLY A 30 -3.93 7.36 0.42
C GLY A 30 -5.26 7.98 0.77
N GLU A 31 -5.74 7.79 1.99
CA GLU A 31 -6.98 8.45 2.35
C GLU A 31 -6.69 9.91 2.58
N ILE A 32 -5.67 10.19 3.39
CA ILE A 32 -5.25 11.55 3.70
C ILE A 32 -4.98 12.32 2.43
N VAL A 33 -4.26 11.70 1.51
CA VAL A 33 -3.93 12.38 0.29
C VAL A 33 -5.20 12.78 -0.41
N GLN A 34 -6.09 11.81 -0.60
CA GLN A 34 -7.31 12.12 -1.33
C GLN A 34 -8.23 13.04 -0.51
N GLN A 35 -8.09 13.03 0.79
CA GLN A 35 -8.83 13.95 1.63
C GLN A 35 -8.41 15.40 1.42
N VAL A 36 -7.11 15.65 1.50
CA VAL A 36 -6.58 16.98 1.30
C VAL A 36 -6.62 17.42 -0.17
N ALA A 37 -6.32 16.49 -1.08
CA ALA A 37 -6.28 16.83 -2.49
C ALA A 37 -7.61 17.41 -2.93
N GLU A 38 -8.68 16.94 -2.29
CA GLU A 38 -10.03 17.39 -2.60
C GLU A 38 -10.45 18.67 -1.88
N GLY A 39 -9.56 19.28 -1.11
CA GLY A 39 -9.93 20.49 -0.42
C GLY A 39 -10.14 20.33 1.07
N GLY A 40 -10.14 19.09 1.56
CA GLY A 40 -10.35 18.83 2.97
C GLY A 40 -9.24 19.21 3.93
N ASN A 41 -9.61 19.49 5.18
CA ASN A 41 -8.69 19.61 6.30
C ASN A 41 -8.29 18.22 6.88
N ALA A 42 -7.18 18.15 7.61
CA ALA A 42 -6.75 16.88 8.24
C ALA A 42 -5.89 17.01 9.51
N LEU A 43 -6.10 16.10 10.45
CA LEU A 43 -5.11 15.83 11.50
C LEU A 43 -4.47 14.49 11.15
N VAL A 44 -3.15 14.44 11.12
CA VAL A 44 -2.45 13.21 10.79
C VAL A 44 -1.53 12.84 11.95
N LEU A 45 -1.73 11.64 12.47
CA LEU A 45 -0.84 11.09 13.50
C LEU A 45 -0.15 9.89 12.94
N MET A 46 1.17 9.94 12.92
CA MET A 46 1.95 8.80 12.49
C MET A 46 3.21 8.75 13.33
N PRO A 47 3.67 7.55 13.68
CA PRO A 47 4.95 7.54 14.40
C PRO A 47 6.10 7.93 13.46
N THR A 48 7.23 8.32 14.04
CA THR A 48 8.42 8.70 13.28
C THR A 48 8.82 7.65 12.24
N GLY A 49 9.15 8.08 11.03
CA GLY A 49 9.43 7.18 9.92
C GLY A 49 8.16 6.60 9.33
N GLY A 50 7.02 6.89 9.96
CA GLY A 50 5.73 6.42 9.47
C GLY A 50 5.30 6.83 8.07
N GLY A 51 5.92 7.86 7.48
CA GLY A 51 5.48 8.33 6.16
C GLY A 51 4.64 9.61 6.09
N LYS A 52 4.70 10.45 7.12
CA LYS A 52 4.02 11.75 7.09
C LYS A 52 4.34 12.64 5.91
N SER A 53 5.63 12.78 5.60
CA SER A 53 6.08 13.89 4.77
C SER A 53 5.31 13.96 3.44
N LEU A 54 4.94 12.81 2.87
CA LEU A 54 4.28 12.89 1.58
C LEU A 54 2.77 12.99 1.72
N CYS A 55 2.29 12.92 2.96
CA CYS A 55 0.88 13.17 3.17
C CYS A 55 0.48 14.55 2.68
N TYR A 56 1.32 15.58 2.92
CA TYR A 56 1.15 16.91 2.31
C TYR A 56 1.79 17.17 0.93
N GLN A 57 2.93 16.52 0.65
CA GLN A 57 3.62 16.75 -0.61
C GLN A 57 2.82 16.24 -1.78
N LEU A 58 2.11 15.15 -1.57
CA LEU A 58 1.37 14.56 -2.67
C LEU A 58 0.16 15.39 -3.08
N PRO A 59 -0.63 15.88 -2.09
CA PRO A 59 -1.69 16.82 -2.43
C PRO A 59 -1.19 18.14 -3.02
N SER A 60 -0.06 18.66 -2.53
CA SER A 60 0.52 19.86 -3.08
C SER A 60 0.63 19.77 -4.61
N LEU A 61 1.01 18.59 -5.08
CA LEU A 61 1.18 18.39 -6.51
C LEU A 61 -0.10 18.13 -7.24
N LEU A 62 -1.10 17.60 -6.55
CA LEU A 62 -2.31 17.21 -7.24
C LEU A 62 -3.20 18.43 -7.41
N ARG A 63 -3.23 19.30 -6.41
CA ARG A 63 -3.92 20.58 -6.51
C ARG A 63 -3.15 21.66 -7.28
N PRO A 64 -3.88 22.50 -8.03
CA PRO A 64 -3.29 23.69 -8.63
C PRO A 64 -2.73 24.58 -7.56
N GLY A 65 -1.57 25.15 -7.83
CA GLY A 65 -0.90 25.99 -6.86
C GLY A 65 0.03 25.24 -5.94
N THR A 66 0.47 25.98 -4.93
CA THR A 66 1.66 25.65 -4.16
C THR A 66 1.31 25.25 -2.75
N GLY A 67 1.82 24.10 -2.32
CA GLY A 67 1.78 23.72 -0.92
C GLY A 67 2.74 24.50 -0.06
N ILE A 68 2.27 25.03 1.05
CA ILE A 68 3.12 25.82 1.95
C ILE A 68 3.41 25.04 3.20
N VAL A 69 4.69 24.75 3.45
CA VAL A 69 5.04 23.88 4.57
C VAL A 69 5.74 24.62 5.70
N VAL A 70 5.23 24.46 6.91
CA VAL A 70 5.83 25.05 8.09
C VAL A 70 6.41 23.99 9.07
N SER A 71 7.69 24.14 9.41
CA SER A 71 8.31 23.29 10.42
C SER A 71 9.35 24.16 11.18
N PRO A 72 9.60 23.87 12.47
CA PRO A 72 10.57 24.69 13.19
C PRO A 72 11.97 24.40 12.71
N LEU A 73 12.13 23.29 12.01
CA LEU A 73 13.44 22.71 11.78
C LEU A 73 14.00 23.26 10.49
N ILE A 74 14.98 24.14 10.61
CA ILE A 74 15.50 24.77 9.42
C ILE A 74 16.44 23.84 8.66
N ALA A 75 17.37 23.23 9.38
CA ALA A 75 18.41 22.45 8.73
C ALA A 75 17.80 21.27 7.96
N LEU A 76 16.74 20.68 8.50
CA LEU A 76 16.07 19.56 7.83
C LEU A 76 15.16 20.04 6.69
N MET A 77 14.70 21.29 6.79
CA MET A 77 13.95 21.89 5.70
C MET A 77 14.86 22.15 4.50
N LYS A 78 16.09 22.55 4.76
CA LYS A 78 17.05 22.75 3.70
C LYS A 78 17.30 21.43 2.95
N ASP A 79 17.38 20.33 3.70
CA ASP A 79 17.67 19.03 3.10
C ASP A 79 16.46 18.46 2.38
N GLN A 80 15.29 18.74 2.91
CA GLN A 80 14.07 18.20 2.35
C GLN A 80 13.76 18.93 1.05
N VAL A 81 14.20 20.17 0.94
CA VAL A 81 14.02 20.90 -0.31
C VAL A 81 14.93 20.34 -1.38
N ASP A 82 16.20 20.18 -1.02
CA ASP A 82 17.23 19.71 -1.96
C ASP A 82 16.88 18.39 -2.62
N THR A 83 16.56 17.42 -1.78
CA THR A 83 16.17 16.10 -2.25
C THR A 83 14.93 16.16 -3.14
N LEU A 84 13.97 17.01 -2.76
CA LEU A 84 12.78 17.20 -3.57
C LEU A 84 13.11 17.72 -4.96
N ARG A 85 14.05 18.67 -5.03
CA ARG A 85 14.31 19.30 -6.31
C ARG A 85 15.05 18.33 -7.23
N GLN A 86 15.99 17.55 -6.66
CA GLN A 86 16.71 16.55 -7.44
C GLN A 86 15.76 15.47 -7.94
N ASN A 87 14.72 15.17 -7.17
CA ASN A 87 13.71 14.20 -7.59
C ASN A 87 12.73 14.77 -8.59
N GLY A 88 12.90 16.05 -8.94
CA GLY A 88 12.13 16.65 -10.01
C GLY A 88 10.95 17.47 -9.54
N VAL A 89 10.91 17.74 -8.24
CA VAL A 89 9.80 18.48 -7.66
C VAL A 89 10.19 19.93 -7.40
N ARG A 90 9.35 20.89 -7.76
CA ARG A 90 9.79 22.26 -7.65
C ARG A 90 9.54 22.78 -6.24
N ALA A 91 10.60 22.86 -5.46
CA ALA A 91 10.52 23.25 -4.05
C ALA A 91 11.52 24.37 -3.73
N ALA A 92 11.21 25.16 -2.72
CA ALA A 92 12.05 26.29 -2.35
C ALA A 92 11.88 26.50 -0.86
N PHE A 93 12.85 27.18 -0.26
CA PHE A 93 12.69 27.57 1.13
C PHE A 93 12.92 29.06 1.21
N LEU A 94 12.20 29.66 2.15
CA LEU A 94 12.23 31.06 2.38
C LEU A 94 12.33 31.31 3.86
N ASN A 95 13.41 31.96 4.28
CA ASN A 95 13.59 32.34 5.68
C ASN A 95 14.34 33.64 5.69
N SER A 96 14.57 34.22 6.86
CA SER A 96 15.11 35.58 6.88
C SER A 96 16.65 35.62 6.85
N THR A 97 17.32 34.48 6.65
CA THR A 97 18.77 34.51 6.42
C THR A 97 19.13 34.47 4.94
N LEU A 98 18.11 34.50 4.09
CA LEU A 98 18.39 34.62 2.68
C LEU A 98 18.76 36.07 2.40
N LEU A 99 19.70 36.27 1.48
CA LEU A 99 19.95 37.62 0.98
C LEU A 99 18.63 38.17 0.44
N PRO A 100 18.40 39.49 0.52
CA PRO A 100 17.10 40.00 0.10
C PRO A 100 16.81 39.72 -1.37
N HIS A 101 17.84 39.60 -2.19
CA HIS A 101 17.64 39.36 -3.61
C HIS A 101 17.19 37.94 -3.86
N GLU A 102 17.63 37.02 -3.00
CA GLU A 102 17.20 35.62 -3.07
C GLU A 102 15.78 35.47 -2.60
N ALA A 103 15.44 36.17 -1.51
CA ALA A 103 14.12 36.12 -0.91
C ALA A 103 13.04 36.56 -1.89
N ARG A 104 13.42 37.44 -2.82
CA ARG A 104 12.54 37.93 -3.86
C ARG A 104 12.46 37.03 -5.10
N GLU A 105 13.55 36.36 -5.43
CA GLU A 105 13.54 35.41 -6.52
C GLU A 105 12.58 34.30 -6.22
N VAL A 106 12.50 33.98 -4.92
CA VAL A 106 11.64 32.94 -4.39
C VAL A 106 10.24 33.47 -4.20
N GLU A 107 10.12 34.68 -3.70
CA GLU A 107 8.79 35.28 -3.53
C GLU A 107 8.09 35.45 -4.90
N ASP A 108 8.85 35.80 -5.92
CA ASP A 108 8.23 36.01 -7.22
C ASP A 108 7.88 34.68 -7.85
N ALA A 109 8.69 33.66 -7.59
CA ALA A 109 8.41 32.32 -8.09
C ALA A 109 7.13 31.78 -7.46
N LEU A 110 6.93 32.10 -6.20
CA LEU A 110 5.67 31.77 -5.57
C LEU A 110 4.52 32.39 -6.36
N LEU A 111 4.58 33.70 -6.53
CA LEU A 111 3.45 34.45 -7.08
C LEU A 111 3.19 34.12 -8.53
N ARG A 112 4.18 33.62 -9.24
CA ARG A 112 3.96 33.26 -10.63
C ARG A 112 3.36 31.85 -10.70
N GLY A 113 3.20 31.21 -9.55
CA GLY A 113 2.76 29.82 -9.50
C GLY A 113 3.77 28.82 -10.02
N ASP A 114 5.03 29.07 -9.71
CA ASP A 114 6.12 28.24 -10.25
C ASP A 114 6.65 27.15 -9.27
N LEU A 115 6.06 27.08 -8.09
CA LEU A 115 6.52 26.20 -7.04
C LEU A 115 5.50 25.12 -6.66
N ASP A 116 5.98 23.90 -6.57
CA ASP A 116 5.14 22.86 -6.02
C ASP A 116 5.07 22.99 -4.51
N LEU A 117 6.21 23.19 -3.87
CA LEU A 117 6.24 23.40 -2.43
C LEU A 117 7.12 24.57 -2.02
N LEU A 118 6.72 25.23 -0.94
CA LEU A 118 7.54 26.24 -0.34
C LEU A 118 7.60 26.04 1.16
N TYR A 119 8.81 25.77 1.65
CA TYR A 119 9.04 25.51 3.07
C TYR A 119 9.34 26.82 3.76
N VAL A 120 8.67 27.09 4.87
CA VAL A 120 8.80 28.40 5.48
C VAL A 120 8.99 28.32 6.96
N ALA A 121 10.06 28.92 7.46
CA ALA A 121 10.23 29.00 8.90
C ALA A 121 9.11 29.83 9.47
N PRO A 122 8.54 29.39 10.59
CA PRO A 122 7.44 30.13 11.24
C PRO A 122 7.77 31.61 11.49
N GLU A 123 9.04 31.90 11.76
CA GLU A 123 9.55 33.26 11.89
C GLU A 123 9.07 34.19 10.75
N ARG A 124 9.26 33.71 9.52
CA ARG A 124 8.97 34.47 8.35
C ARG A 124 7.49 34.45 8.10
N LEU A 125 6.91 33.26 8.23
CA LEU A 125 5.51 33.06 7.92
C LEU A 125 4.63 33.99 8.73
N LEU A 126 4.98 34.17 9.99
CA LEU A 126 4.16 34.88 10.93
C LEU A 126 4.16 36.37 10.69
N MET A 127 5.25 36.84 10.07
CA MET A 127 5.33 38.25 9.66
C MET A 127 4.18 38.59 8.71
N PRO A 128 3.33 39.57 9.11
CA PRO A 128 2.46 40.12 8.07
C PRO A 128 3.31 40.69 6.95
N ARG A 129 2.72 40.67 5.77
CA ARG A 129 3.38 40.80 4.47
C ARG A 129 3.98 39.50 3.99
N THR A 130 4.32 38.59 4.89
CA THR A 130 4.58 37.25 4.40
C THR A 130 3.18 36.69 4.34
N LEU A 131 2.40 37.02 5.35
CA LEU A 131 0.97 36.72 5.37
C LEU A 131 0.23 37.36 4.21
N ASP A 132 0.42 38.68 4.05
CA ASP A 132 -0.31 39.44 3.03
C ASP A 132 0.07 38.96 1.64
N LEU A 133 1.37 38.75 1.47
CA LEU A 133 1.89 38.30 0.19
C LEU A 133 1.29 36.99 -0.26
N LEU A 134 1.01 36.12 0.71
CA LEU A 134 0.47 34.80 0.41
C LEU A 134 -0.92 34.89 -0.17
N GLU A 135 -1.72 35.85 0.32
CA GLU A 135 -3.10 36.06 -0.17
C GLU A 135 -3.08 36.41 -1.64
N ARG A 136 -1.96 36.93 -2.12
CA ARG A 136 -1.79 37.22 -3.55
C ARG A 136 -1.19 36.05 -4.34
N ALA A 137 -0.98 34.92 -3.68
CA ALA A 137 -0.28 33.81 -4.34
C ALA A 137 -1.18 32.59 -4.53
N PRO A 138 -0.94 31.83 -5.60
CA PRO A 138 -1.69 30.61 -5.88
C PRO A 138 -1.25 29.47 -4.92
N VAL A 139 -1.86 29.49 -3.74
CA VAL A 139 -1.62 28.53 -2.68
C VAL A 139 -2.55 27.33 -2.78
N ALA A 140 -1.99 26.13 -2.82
CA ALA A 140 -2.75 24.91 -2.80
C ALA A 140 -3.17 24.45 -1.39
N LEU A 141 -2.32 24.69 -0.39
CA LEU A 141 -2.55 24.17 0.96
C LEU A 141 -1.53 24.63 2.00
N PHE A 142 -1.88 24.49 3.27
CA PHE A 142 -0.93 24.65 4.36
C PHE A 142 -0.65 23.32 5.12
N ALA A 143 0.61 23.06 5.38
CA ALA A 143 1.04 21.91 6.16
C ALA A 143 1.78 22.34 7.43
N ILE A 144 1.22 22.08 8.59
CA ILE A 144 1.92 22.46 9.82
C ILE A 144 2.58 21.18 10.36
N ASP A 145 3.89 21.10 10.17
CA ASP A 145 4.65 19.94 10.57
C ASP A 145 4.97 20.14 12.02
N GLU A 146 5.49 19.09 12.67
CA GLU A 146 5.81 19.13 14.10
C GLU A 146 4.68 19.85 14.80
N ALA A 147 3.46 19.49 14.43
CA ALA A 147 2.28 20.29 14.76
C ALA A 147 2.04 20.36 16.27
N HIS A 148 2.60 19.43 16.98
CA HIS A 148 2.48 19.36 18.43
C HIS A 148 3.11 20.51 19.19
N CYS A 149 4.00 21.26 18.55
CA CYS A 149 4.73 22.33 19.25
C CYS A 149 3.81 23.45 19.65
N VAL A 150 2.56 23.41 19.17
CA VAL A 150 1.53 24.39 19.50
C VAL A 150 1.07 24.23 20.94
N SER A 151 1.50 23.15 21.57
CA SER A 151 0.92 22.72 22.82
C SER A 151 1.95 22.77 23.93
N GLN A 152 1.52 23.32 25.05
CA GLN A 152 2.32 23.47 26.24
C GLN A 152 2.69 22.09 26.79
N TRP A 153 1.75 21.16 26.68
CA TRP A 153 1.92 19.74 27.05
C TRP A 153 2.50 18.93 25.88
N GLY A 154 2.91 19.68 24.88
CA GLY A 154 3.33 19.20 23.59
C GLY A 154 4.75 18.76 23.26
N HIS A 155 5.53 18.15 24.18
CA HIS A 155 6.76 17.45 23.75
C HIS A 155 7.92 18.43 23.49
N ASP A 156 7.53 19.68 23.32
CA ASP A 156 8.34 20.72 22.74
C ASP A 156 7.36 21.86 22.73
N PHE A 157 7.80 23.09 22.71
CA PHE A 157 6.83 24.15 22.67
C PHE A 157 7.55 25.40 22.22
N ARG A 158 6.79 26.35 21.70
CA ARG A 158 7.35 27.56 21.11
C ARG A 158 6.27 28.60 21.24
N PRO A 159 6.64 29.87 21.44
CA PRO A 159 5.59 30.88 21.42
C PRO A 159 4.99 31.01 20.03
N GLU A 160 5.88 30.89 19.05
CA GLU A 160 5.57 31.12 17.65
C GLU A 160 4.56 30.09 17.11
N TYR A 161 4.50 28.89 17.67
CA TYR A 161 3.56 27.93 17.09
C TYR A 161 2.15 28.10 17.60
N GLN A 162 2.01 28.86 18.65
CA GLN A 162 0.70 29.10 19.16
C GLN A 162 0.07 30.06 18.17
N GLN A 163 0.94 30.84 17.52
CA GLN A 163 0.49 31.95 16.68
C GLN A 163 0.01 31.50 15.29
N LEU A 164 0.28 30.26 14.93
CA LEU A 164 -0.12 29.73 13.61
C LEU A 164 -1.63 29.59 13.51
N SER A 165 -2.31 29.89 14.59
CA SER A 165 -3.76 30.01 14.57
C SER A 165 -4.22 31.00 13.52
N VAL A 166 -3.34 31.92 13.16
CA VAL A 166 -3.58 32.89 12.10
C VAL A 166 -3.94 32.22 10.77
N LEU A 167 -3.39 31.05 10.48
CA LEU A 167 -3.57 30.45 9.17
C LEU A 167 -5.03 30.19 8.93
N ALA A 168 -5.71 29.72 9.96
CA ALA A 168 -7.12 29.38 9.85
C ALA A 168 -7.98 30.65 9.71
N GLU A 169 -7.60 31.75 10.38
CA GLU A 169 -8.38 32.97 10.25
C GLU A 169 -8.10 33.71 8.94
N ARG A 170 -6.83 33.86 8.56
CA ARG A 170 -6.51 34.54 7.33
C ARG A 170 -6.84 33.71 6.07
N PHE A 171 -6.71 32.40 6.12
CA PHE A 171 -7.01 31.59 4.91
C PHE A 171 -8.02 30.46 5.12
N PRO A 172 -9.25 30.76 5.57
CA PRO A 172 -10.23 29.71 5.91
C PRO A 172 -10.66 28.85 4.73
N GLU A 173 -10.68 29.42 3.54
CA GLU A 173 -11.09 28.70 2.34
C GLU A 173 -10.14 27.54 1.99
N LEU A 174 -8.83 27.73 2.24
CA LEU A 174 -7.78 26.79 1.84
C LEU A 174 -7.46 25.65 2.85
N PRO A 175 -7.13 24.45 2.32
CA PRO A 175 -6.89 23.24 3.14
C PRO A 175 -5.73 23.37 4.09
N ARG A 176 -5.93 22.84 5.29
CA ARG A 176 -4.92 22.87 6.34
C ARG A 176 -4.61 21.43 6.79
N VAL A 177 -3.33 21.05 6.83
CA VAL A 177 -2.92 19.72 7.27
C VAL A 177 -1.98 19.71 8.45
N ALA A 178 -2.38 19.15 9.58
CA ALA A 178 -1.39 19.05 10.65
C ALA A 178 -0.89 17.59 10.81
N LEU A 179 0.40 17.47 11.04
CA LEU A 179 1.05 16.16 11.16
C LEU A 179 2.01 16.25 12.33
N THR A 180 1.95 15.26 13.21
CA THR A 180 2.90 15.21 14.31
C THR A 180 3.12 13.75 14.64
N ALA A 181 4.32 13.40 15.07
CA ALA A 181 4.57 11.99 15.41
C ALA A 181 4.08 11.63 16.78
N THR A 182 4.24 12.57 17.71
CA THR A 182 3.96 12.29 19.09
C THR A 182 2.84 13.17 19.66
N ALA A 183 1.69 12.53 19.85
CA ALA A 183 0.53 13.18 20.48
C ALA A 183 -0.27 12.27 21.44
N ASP A 184 -0.29 12.61 22.73
CA ASP A 184 -1.21 12.02 23.72
C ASP A 184 -2.65 12.49 23.47
N GLU A 185 -3.61 12.02 24.27
CA GLU A 185 -5.02 12.25 23.94
C GLU A 185 -5.38 13.69 23.85
N ARG A 186 -4.88 14.54 24.74
CA ARG A 186 -4.80 15.88 24.26
C ARG A 186 -3.60 16.67 24.71
N THR A 187 -2.58 16.56 23.85
CA THR A 187 -1.82 17.64 23.28
C THR A 187 -2.66 17.91 22.04
N ARG A 188 -3.25 16.83 21.53
CA ARG A 188 -4.10 16.82 20.33
C ARG A 188 -5.28 17.80 20.36
N ALA A 189 -5.95 17.95 21.50
CA ALA A 189 -7.01 18.93 21.58
C ALA A 189 -6.46 20.32 21.33
N ASP A 190 -5.20 20.57 21.68
CA ASP A 190 -4.60 21.89 21.47
C ASP A 190 -4.22 22.15 20.02
N ILE A 191 -3.66 21.14 19.38
CA ILE A 191 -3.43 21.16 17.94
C ILE A 191 -4.73 21.57 17.30
N LYS A 192 -5.81 20.87 17.69
CA LYS A 192 -7.12 21.07 17.10
C LYS A 192 -7.74 22.44 17.43
N SER A 193 -7.53 22.96 18.63
CA SER A 193 -7.92 24.33 18.97
C SER A 193 -7.19 25.33 18.08
N VAL A 194 -5.89 25.44 18.30
CA VAL A 194 -5.01 26.40 17.65
C VAL A 194 -5.20 26.47 16.15
N LEU A 195 -5.22 25.31 15.51
CA LEU A 195 -5.28 25.29 14.07
C LEU A 195 -6.69 25.09 13.56
N ARG A 196 -7.65 25.05 14.47
CA ARG A 196 -9.05 25.01 14.06
C ARG A 196 -9.36 23.78 13.28
N LEU A 197 -8.85 22.69 13.80
CA LEU A 197 -8.99 21.42 13.14
C LEU A 197 -10.14 20.60 13.76
N GLU A 198 -10.92 21.22 14.66
CA GLU A 198 -11.86 20.48 15.52
C GLU A 198 -12.96 19.77 14.73
N ASP A 199 -13.22 20.22 13.51
CA ASP A 199 -14.13 19.56 12.59
C ASP A 199 -13.49 18.68 11.53
N ALA A 200 -12.17 18.61 11.53
CA ALA A 200 -11.47 17.90 10.48
C ALA A 200 -11.29 16.43 10.84
N PRO A 201 -11.22 15.57 9.82
CA PRO A 201 -10.92 14.17 10.11
C PRO A 201 -9.56 14.02 10.82
N GLN A 202 -9.37 12.90 11.49
CA GLN A 202 -8.13 12.59 12.20
C GLN A 202 -7.61 11.26 11.71
N PHE A 203 -6.33 11.20 11.40
CA PHE A 203 -5.79 9.98 10.82
C PHE A 203 -4.62 9.49 11.66
N VAL A 204 -4.64 8.20 11.98
CA VAL A 204 -3.51 7.56 12.65
C VAL A 204 -3.16 6.30 11.87
N SER A 205 -1.89 5.96 11.76
CA SER A 205 -1.53 4.90 10.84
C SER A 205 -0.62 3.79 11.35
N SER A 206 0.63 4.17 11.56
CA SER A 206 1.75 3.25 11.68
C SER A 206 2.16 2.87 13.10
N PHE A 207 1.34 3.23 14.09
CA PHE A 207 1.74 3.07 15.48
C PHE A 207 1.98 1.62 15.91
N ASP A 208 1.14 0.71 15.42
CA ASP A 208 1.28 -0.70 15.78
C ASP A 208 2.58 -1.30 15.28
N ARG A 209 3.01 -2.34 15.98
CA ARG A 209 4.15 -3.17 15.62
C ARG A 209 3.81 -4.63 15.90
N PRO A 210 3.09 -5.25 14.95
CA PRO A 210 2.49 -6.58 15.13
C PRO A 210 3.45 -7.69 15.58
N ASN A 211 4.75 -7.59 15.30
CA ASN A 211 5.66 -8.67 15.66
C ASN A 211 6.17 -8.62 17.11
N ILE A 212 5.85 -7.56 17.85
CA ILE A 212 6.22 -7.52 19.26
C ILE A 212 5.07 -8.07 20.13
N GLN A 213 5.39 -8.94 21.08
CA GLN A 213 4.41 -9.46 22.03
C GLN A 213 4.54 -8.80 23.38
N TYR A 214 3.45 -8.17 23.82
CA TYR A 214 3.43 -7.41 25.06
C TYR A 214 2.96 -8.23 26.26
N ARG A 215 3.71 -8.16 27.36
CA ARG A 215 3.34 -8.85 28.58
C ARG A 215 3.68 -8.03 29.79
N VAL A 216 2.73 -7.92 30.70
CA VAL A 216 2.94 -7.25 31.97
C VAL A 216 2.57 -8.17 33.12
N GLY A 217 3.31 -8.10 34.21
CA GLY A 217 3.03 -8.90 35.39
C GLY A 217 3.51 -8.13 36.60
N LEU A 218 3.16 -8.60 37.80
CA LEU A 218 3.68 -7.95 38.99
C LEU A 218 5.07 -8.47 39.36
N LYS A 219 5.69 -7.79 40.33
CA LYS A 219 7.02 -8.11 40.79
C LYS A 219 7.00 -8.79 42.15
N ASP A 220 7.40 -10.06 42.20
CA ASP A 220 7.97 -10.63 43.42
C ASP A 220 9.32 -11.17 43.01
N SER A 221 10.38 -10.56 43.54
CA SER A 221 11.75 -10.97 43.22
C SER A 221 11.96 -10.95 41.70
N PRO A 222 12.08 -9.73 41.14
CA PRO A 222 12.14 -9.52 39.69
C PRO A 222 13.42 -10.08 39.03
N LYS A 223 14.56 -10.08 39.71
CA LYS A 223 15.78 -10.50 39.04
C LYS A 223 15.71 -11.95 38.61
N THR A 224 15.35 -12.85 39.53
CA THR A 224 15.05 -14.26 39.19
C THR A 224 13.98 -14.37 38.10
N GLN A 225 12.94 -13.56 38.25
CA GLN A 225 11.81 -13.49 37.30
C GLN A 225 12.28 -13.16 35.88
N LEU A 226 13.23 -12.22 35.78
CA LEU A 226 13.86 -11.85 34.51
C LEU A 226 14.77 -12.93 33.99
N LEU A 227 15.68 -13.33 34.88
CA LEU A 227 16.65 -14.39 34.60
C LEU A 227 15.96 -15.63 34.02
N HIS A 228 14.82 -16.02 34.62
CA HIS A 228 13.98 -17.16 34.19
C HIS A 228 13.42 -16.84 32.79
N PHE A 229 13.00 -15.59 32.54
CA PHE A 229 12.44 -15.27 31.24
C PHE A 229 13.51 -15.41 30.13
N ILE A 230 14.74 -14.96 30.39
CA ILE A 230 15.78 -14.97 29.34
C ILE A 230 16.14 -16.37 28.86
N ARG A 231 16.94 -17.10 29.65
CA ARG A 231 16.70 -18.52 30.02
C ARG A 231 15.89 -19.32 29.04
N GLU A 232 14.63 -19.52 29.44
CA GLU A 232 13.70 -20.31 28.67
C GLU A 232 13.51 -19.78 27.28
N GLU A 233 13.19 -18.49 27.18
CA GLU A 233 12.76 -17.96 25.89
C GLU A 233 13.74 -17.22 25.00
N HIS A 234 14.87 -16.74 25.51
CA HIS A 234 15.86 -16.01 24.66
C HIS A 234 17.34 -16.21 25.02
N PRO A 235 17.83 -17.46 25.00
CA PRO A 235 19.13 -17.76 25.62
C PRO A 235 20.36 -17.14 24.93
N GLY A 236 20.36 -17.16 23.61
CA GLY A 236 21.47 -16.62 22.83
C GLY A 236 21.14 -15.29 22.18
N ASP A 237 20.17 -14.59 22.78
CA ASP A 237 19.57 -13.42 22.16
C ASP A 237 20.03 -12.10 22.72
N ALA A 238 19.95 -11.08 21.88
CA ALA A 238 20.24 -9.72 22.28
C ALA A 238 18.97 -9.10 22.90
N GLY A 239 19.12 -8.38 24.00
CA GLY A 239 17.97 -7.78 24.60
C GLY A 239 18.30 -6.57 25.45
N ILE A 240 17.31 -5.69 25.61
CA ILE A 240 17.49 -4.54 26.48
C ILE A 240 16.67 -4.80 27.75
N VAL A 241 17.20 -4.30 28.87
CA VAL A 241 16.56 -4.44 30.17
C VAL A 241 16.62 -3.08 30.83
N TYR A 242 15.45 -2.47 31.07
CA TYR A 242 15.36 -1.09 31.54
C TYR A 242 15.07 -0.94 33.03
N CYS A 243 15.79 -0.03 33.69
CA CYS A 243 15.57 0.25 35.11
C CYS A 243 15.50 1.75 35.32
N LEU A 244 14.82 2.18 36.37
CA LEU A 244 14.74 3.60 36.63
C LEU A 244 16.08 4.18 37.04
N SER A 245 16.63 3.69 38.14
CA SER A 245 17.84 4.27 38.72
C SER A 245 19.11 3.78 38.05
N ARG A 246 20.15 4.59 38.21
CA ARG A 246 21.48 4.19 37.80
C ARG A 246 21.88 2.98 38.65
N LYS A 247 21.50 3.03 39.92
CA LYS A 247 21.79 1.98 40.89
C LYS A 247 21.28 0.60 40.45
N SER A 248 19.99 0.50 40.13
CA SER A 248 19.41 -0.77 39.66
C SER A 248 20.08 -1.30 38.38
N VAL A 249 20.38 -0.42 37.45
CA VAL A 249 21.03 -0.77 36.20
C VAL A 249 22.36 -1.52 36.43
N GLU A 250 23.15 -1.02 37.39
CA GLU A 250 24.42 -1.66 37.64
C GLU A 250 24.31 -2.91 38.51
N GLU A 251 23.38 -2.93 39.47
CA GLU A 251 23.12 -4.18 40.18
C GLU A 251 22.61 -5.23 39.22
N THR A 252 21.62 -4.87 38.41
CA THR A 252 21.03 -5.82 37.47
C THR A 252 22.11 -6.40 36.57
N ALA A 253 23.11 -5.59 36.22
CA ALA A 253 24.17 -6.03 35.32
C ALA A 253 25.20 -6.91 36.05
N LYS A 254 25.66 -6.44 37.21
CA LYS A 254 26.58 -7.23 38.03
C LYS A 254 25.99 -8.60 38.30
N TRP A 255 24.75 -8.60 38.77
CA TRP A 255 24.01 -9.81 39.08
C TRP A 255 23.84 -10.72 37.87
N LEU A 256 23.50 -10.17 36.73
CA LEU A 256 23.27 -11.00 35.54
C LEU A 256 24.57 -11.63 35.05
N GLN A 257 25.67 -10.92 35.29
CA GLN A 257 26.99 -11.47 35.02
C GLN A 257 27.36 -12.52 36.07
N ALA A 258 26.78 -12.40 37.27
CA ALA A 258 27.12 -13.36 38.32
C ALA A 258 26.49 -14.71 37.98
N GLN A 259 25.44 -14.68 37.18
CA GLN A 259 24.77 -15.86 36.64
C GLN A 259 25.31 -16.08 35.23
N GLY A 260 26.30 -15.28 34.88
CA GLY A 260 27.08 -15.51 33.67
C GLY A 260 26.39 -15.29 32.35
N ILE A 261 25.27 -14.57 32.36
CA ILE A 261 24.73 -14.08 31.11
C ILE A 261 25.47 -12.77 30.77
N ASP A 262 25.65 -12.50 29.48
CA ASP A 262 26.57 -11.44 29.13
C ASP A 262 25.77 -10.15 29.16
N ALA A 263 26.08 -9.30 30.14
CA ALA A 263 25.28 -8.14 30.44
C ALA A 263 26.16 -6.98 30.79
N LEU A 264 25.68 -5.78 30.46
CA LEU A 264 26.46 -4.56 30.61
C LEU A 264 25.57 -3.39 30.98
N ALA A 265 26.06 -2.55 31.88
CA ALA A 265 25.32 -1.35 32.25
C ALA A 265 25.55 -0.26 31.18
N TYR A 266 24.55 0.59 30.94
CA TYR A 266 24.66 1.70 30.00
C TYR A 266 23.93 2.93 30.55
N HIS A 267 24.64 4.04 30.72
CA HIS A 267 24.03 5.22 31.32
C HIS A 267 24.92 6.44 31.36
N ALA A 268 24.32 7.60 31.61
CA ALA A 268 24.96 8.89 31.39
C ALA A 268 26.21 9.17 32.23
N GLY A 269 26.51 8.33 33.21
CA GLY A 269 27.69 8.54 34.03
C GLY A 269 28.79 7.55 33.69
N LEU A 270 28.52 6.67 32.74
CA LEU A 270 29.59 5.94 32.06
C LEU A 270 30.48 6.96 31.41
N SER A 271 31.79 6.83 31.59
CA SER A 271 32.70 7.70 30.85
C SER A 271 32.64 7.33 29.37
N SER A 272 33.04 8.27 28.50
CA SER A 272 32.70 8.24 27.06
C SER A 272 33.10 6.94 26.39
N THR A 273 34.40 6.69 26.17
CA THR A 273 35.03 5.41 26.57
C THR A 273 34.03 4.25 26.55
N GLU A 274 33.67 3.83 27.76
CA GLU A 274 32.75 2.74 28.06
C GLU A 274 31.41 2.78 27.29
N ARG A 275 30.83 3.97 27.10
CA ARG A 275 29.58 4.12 26.33
C ARG A 275 29.73 3.53 24.91
N ASN A 276 30.69 4.04 24.13
CA ASN A 276 31.01 3.52 22.80
C ASN A 276 31.49 2.06 22.85
N ASN A 277 32.15 1.71 23.96
CA ASN A 277 32.57 0.34 24.24
C ASN A 277 31.40 -0.62 24.22
N VAL A 278 30.48 -0.38 25.17
CA VAL A 278 29.24 -1.12 25.28
C VAL A 278 28.43 -1.05 23.99
N GLN A 279 28.50 0.10 23.32
CA GLN A 279 27.66 0.34 22.16
C GLN A 279 27.93 -0.66 21.02
N GLU A 280 29.18 -0.79 20.60
CA GLU A 280 29.51 -1.70 19.51
C GLU A 280 29.70 -3.16 19.95
N ARG A 281 30.11 -3.40 21.19
CA ARG A 281 30.01 -4.75 21.71
C ARG A 281 28.55 -5.25 21.70
N PHE A 282 27.59 -4.34 21.81
CA PHE A 282 26.20 -4.73 21.66
C PHE A 282 25.77 -4.83 20.19
N LEU A 283 26.26 -3.93 19.35
CA LEU A 283 25.84 -3.92 17.96
C LEU A 283 26.51 -5.00 17.11
N ASN A 284 27.83 -5.13 17.27
CA ASN A 284 28.63 -6.08 16.49
C ASN A 284 28.30 -7.53 16.80
N GLU A 285 28.18 -7.84 18.09
CA GLU A 285 28.10 -9.21 18.56
C GLU A 285 26.65 -9.61 18.90
N GLU A 286 26.29 -10.85 18.58
CA GLU A 286 24.93 -11.32 18.87
C GLU A 286 24.84 -12.03 20.24
N GLY A 287 23.70 -11.89 20.89
CA GLY A 287 23.47 -12.46 22.21
C GLY A 287 24.15 -11.73 23.34
N VAL A 288 24.18 -10.40 23.26
CA VAL A 288 24.66 -9.56 24.34
C VAL A 288 23.52 -8.71 24.93
N ILE A 289 23.53 -8.44 26.23
CA ILE A 289 22.41 -7.75 26.87
C ILE A 289 22.78 -6.45 27.58
N VAL A 290 22.12 -5.36 27.16
CA VAL A 290 22.35 -4.04 27.77
C VAL A 290 21.36 -3.68 28.89
N CYS A 291 21.90 -3.18 30.01
CA CYS A 291 21.11 -2.57 31.07
C CYS A 291 21.18 -1.05 31.03
N ALA A 292 20.08 -0.41 30.61
CA ALA A 292 20.07 1.04 30.33
C ALA A 292 19.15 1.77 31.27
N THR A 293 19.24 3.10 31.36
CA THR A 293 18.24 3.80 32.13
C THR A 293 17.16 4.49 31.28
N VAL A 294 17.33 5.76 30.95
CA VAL A 294 16.64 6.40 29.82
C VAL A 294 17.65 6.94 28.76
N ALA A 295 18.92 6.55 28.95
CA ALA A 295 20.10 6.70 28.05
C ALA A 295 21.09 7.81 28.45
N ILE A 300 19.43 3.76 20.90
CA ILE A 300 20.67 4.38 20.44
C ILE A 300 21.10 3.83 19.06
N ASP A 301 20.89 2.51 18.85
CA ASP A 301 20.81 1.74 17.56
C ASP A 301 20.62 0.22 17.86
N LYS A 302 20.04 -0.57 16.93
CA LYS A 302 20.21 -2.05 16.82
C LYS A 302 19.17 -2.73 15.91
N PRO A 303 19.59 -3.62 15.01
CA PRO A 303 18.54 -4.11 14.10
C PRO A 303 17.62 -5.17 14.68
N ASN A 304 18.24 -6.19 15.28
CA ASN A 304 17.57 -7.44 15.64
C ASN A 304 17.14 -7.73 17.08
N VAL A 305 17.07 -6.75 17.98
CA VAL A 305 16.72 -7.03 19.40
C VAL A 305 15.45 -7.90 19.63
N ARG A 306 15.64 -9.00 20.37
CA ARG A 306 14.59 -9.97 20.67
C ARG A 306 13.70 -9.63 21.86
N PHE A 307 14.28 -9.14 22.94
CA PHE A 307 13.46 -8.81 24.06
C PHE A 307 13.84 -7.50 24.71
N VAL A 308 12.82 -6.75 25.11
CA VAL A 308 13.01 -5.62 26.01
C VAL A 308 12.37 -6.01 27.31
N ALA A 309 13.08 -5.74 28.41
CA ALA A 309 12.56 -6.07 29.72
C ALA A 309 12.44 -4.83 30.60
N HIS A 310 11.27 -4.57 31.16
CA HIS A 310 11.18 -3.46 32.08
C HIS A 310 11.10 -3.94 33.52
N LEU A 311 12.07 -3.55 34.31
CA LEU A 311 12.08 -3.91 35.71
C LEU A 311 11.46 -2.79 36.52
N ASP A 312 10.91 -1.82 35.82
CA ASP A 312 10.23 -0.70 36.45
C ASP A 312 9.19 -0.16 35.49
N LEU A 313 8.15 0.50 35.98
CA LEU A 313 7.27 1.16 35.03
C LEU A 313 7.95 2.47 34.65
N PRO A 314 7.92 2.83 33.35
CA PRO A 314 8.44 4.09 32.75
C PRO A 314 7.66 5.26 33.30
N LYS A 315 8.05 6.50 33.09
CA LYS A 315 7.27 7.57 33.72
C LYS A 315 6.07 7.97 32.83
N SER A 316 5.98 7.38 31.64
CA SER A 316 4.84 7.63 30.77
C SER A 316 4.56 6.54 29.75
N MET A 317 3.35 6.56 29.20
CA MET A 317 2.98 5.60 28.18
C MET A 317 3.86 5.84 26.97
N GLU A 318 4.24 7.10 26.78
CA GLU A 318 5.11 7.47 25.67
C GLU A 318 6.48 6.79 25.78
N GLY A 319 7.16 6.99 26.90
CA GLY A 319 8.43 6.33 27.18
C GLY A 319 8.41 4.83 26.98
N TYR A 320 7.37 4.19 27.50
CA TYR A 320 7.16 2.76 27.37
C TYR A 320 7.01 2.35 25.90
N TYR A 321 6.21 3.08 25.13
CA TYR A 321 6.09 2.84 23.68
C TYR A 321 7.45 2.93 22.95
N GLN A 322 8.32 3.83 23.42
CA GLN A 322 9.58 4.10 22.76
C GLN A 322 10.60 2.97 23.00
N GLU A 323 10.69 2.59 24.27
CA GLU A 323 11.68 1.64 24.74
C GLU A 323 11.36 0.21 24.28
N THR A 324 10.09 -0.11 24.22
CA THR A 324 9.70 -1.45 23.78
C THR A 324 9.78 -1.51 22.26
N GLY A 325 9.76 -0.36 21.62
CA GLY A 325 9.74 -0.34 20.17
C GLY A 325 11.13 -0.59 19.62
N ARG A 326 12.13 -0.52 20.50
CA ARG A 326 13.52 -0.89 20.20
C ARG A 326 13.66 -2.39 19.90
N ALA A 327 12.68 -3.16 20.31
CA ALA A 327 12.64 -4.56 19.96
C ALA A 327 12.22 -4.65 18.49
N GLY A 328 12.71 -5.66 17.78
CA GLY A 328 12.07 -6.10 16.55
C GLY A 328 11.87 -5.18 15.35
N ARG A 329 12.97 -4.63 14.84
CA ARG A 329 12.87 -3.81 13.64
C ARG A 329 13.16 -4.68 12.42
N ASP A 330 13.54 -5.92 12.69
CA ASP A 330 13.22 -7.04 11.83
C ASP A 330 11.73 -7.30 11.97
N GLY A 331 11.07 -7.69 10.90
CA GLY A 331 9.68 -8.08 11.01
C GLY A 331 9.61 -9.29 11.91
N LEU A 332 10.79 -9.82 12.30
CA LEU A 332 10.91 -11.08 13.03
C LEU A 332 10.49 -10.93 14.49
N PRO A 333 9.62 -11.85 14.98
CA PRO A 333 8.98 -11.80 16.29
C PRO A 333 9.92 -11.48 17.43
N SER A 334 9.43 -10.67 18.38
CA SER A 334 10.19 -10.27 19.54
C SER A 334 9.25 -10.12 20.73
N THR A 335 9.78 -10.02 21.95
CA THR A 335 8.89 -9.88 23.08
C THR A 335 9.24 -8.73 24.00
N ALA A 336 8.21 -8.01 24.43
CA ALA A 336 8.35 -6.96 25.43
C ALA A 336 7.80 -7.45 26.76
N TRP A 337 8.66 -7.41 27.78
CA TRP A 337 8.38 -8.03 29.04
C TRP A 337 8.44 -7.01 30.12
N MET A 338 7.37 -6.87 30.89
CA MET A 338 7.44 -5.88 31.95
C MET A 338 6.80 -6.37 33.24
N VAL A 339 7.44 -6.00 34.34
CA VAL A 339 6.96 -6.32 35.67
C VAL A 339 6.97 -5.05 36.52
N TYR A 340 5.91 -4.82 37.27
CA TYR A 340 5.74 -3.58 38.03
C TYR A 340 5.22 -3.94 39.42
N GLY A 341 5.22 -2.98 40.35
CA GLY A 341 4.54 -3.22 41.61
C GLY A 341 3.85 -1.97 42.08
N LEU A 342 2.74 -2.15 42.82
CA LEU A 342 1.85 -1.04 43.17
C LEU A 342 2.57 -0.18 44.18
N SER A 343 3.47 -0.86 44.89
CA SER A 343 4.40 -0.24 45.81
C SER A 343 5.01 0.95 45.11
N ASP A 344 5.62 0.68 43.95
CA ASP A 344 6.32 1.69 43.17
C ASP A 344 5.40 2.87 42.87
N VAL A 345 4.25 2.55 42.26
CA VAL A 345 3.23 3.51 41.84
C VAL A 345 2.87 4.48 42.95
N VAL A 346 2.78 3.98 44.16
CA VAL A 346 2.51 4.83 45.29
C VAL A 346 3.68 5.83 45.51
N ASN A 347 4.91 5.34 45.44
CA ASN A 347 6.08 6.23 45.57
C ASN A 347 6.10 7.33 44.52
N VAL A 348 5.68 6.98 43.31
CA VAL A 348 5.73 7.92 42.21
C VAL A 348 4.75 9.03 42.50
N ARG A 349 3.60 8.68 43.08
CA ARG A 349 2.61 9.68 43.36
C ARG A 349 3.03 10.63 44.48
N ARG A 350 3.72 10.12 45.49
CA ARG A 350 4.05 10.98 46.59
C ARG A 350 5.25 11.83 46.20
N MET A 351 6.13 11.26 45.37
CA MET A 351 7.31 12.00 44.94
C MET A 351 6.89 13.13 44.03
N LEU A 352 5.75 12.93 43.35
CA LEU A 352 5.16 13.97 42.51
C LEU A 352 4.19 14.85 43.28
N ALA A 353 3.81 14.41 44.47
CA ALA A 353 2.93 15.21 45.32
C ALA A 353 3.71 16.26 46.08
N GLN A 354 4.92 15.89 46.51
CA GLN A 354 5.75 16.79 47.29
C GLN A 354 6.56 17.71 46.42
N SER A 355 6.40 17.62 45.12
CA SER A 355 7.28 18.33 44.21
C SER A 355 7.04 19.84 44.27
N ASP A 356 7.82 20.60 43.51
CA ASP A 356 7.60 22.03 43.38
C ASP A 356 6.94 22.42 42.08
N ALA A 357 6.58 21.44 41.27
CA ALA A 357 5.88 21.74 40.03
C ALA A 357 4.47 22.36 40.29
N PRO A 358 3.97 23.17 39.35
CA PRO A 358 2.62 23.76 39.39
C PRO A 358 1.48 22.71 39.45
N GLU A 359 0.34 23.08 40.03
CA GLU A 359 -0.77 22.15 40.24
C GLU A 359 -1.41 21.74 38.92
N GLU A 360 -1.29 22.61 37.94
CA GLU A 360 -1.65 22.25 36.58
C GLU A 360 -0.75 21.08 36.08
N VAL A 361 0.53 21.08 36.45
CA VAL A 361 1.42 20.04 35.95
C VAL A 361 1.27 18.73 36.73
N LYS A 362 1.07 18.80 38.03
CA LYS A 362 0.82 17.58 38.79
C LYS A 362 -0.42 16.82 38.28
N ARG A 363 -1.52 17.52 38.03
CA ARG A 363 -2.72 16.87 37.50
C ARG A 363 -2.42 16.15 36.20
N VAL A 364 -1.66 16.78 35.33
CA VAL A 364 -1.34 16.18 34.02
C VAL A 364 -0.39 15.00 34.20
N GLU A 365 0.61 15.17 35.06
CA GLU A 365 1.57 14.11 35.28
C GLU A 365 0.90 12.89 35.94
N ALA A 366 0.05 13.13 36.93
CA ALA A 366 -0.71 12.05 37.56
C ALA A 366 -1.65 11.39 36.56
N SER A 367 -2.13 12.18 35.62
CA SER A 367 -2.90 11.65 34.51
C SER A 367 -2.12 10.57 33.79
N LYS A 368 -0.88 10.87 33.43
CA LYS A 368 -0.08 9.95 32.64
C LYS A 368 0.19 8.69 33.46
N LEU A 369 0.34 8.87 34.77
CA LEU A 369 0.59 7.76 35.67
C LEU A 369 -0.60 6.80 35.74
N ASP A 370 -1.79 7.34 35.89
CA ASP A 370 -3.00 6.54 35.89
C ASP A 370 -3.12 5.74 34.62
N ALA A 371 -2.83 6.38 33.50
CA ALA A 371 -2.98 5.71 32.24
C ALA A 371 -1.98 4.57 32.17
N LEU A 372 -0.86 4.75 32.86
CA LEU A 372 0.21 3.78 32.76
C LEU A 372 -0.13 2.53 33.57
N LEU A 373 -0.55 2.77 34.82
CA LEU A 373 -1.03 1.74 35.70
C LEU A 373 -2.21 1.01 35.10
N THR A 374 -3.19 1.76 34.64
CA THR A 374 -4.38 1.11 34.13
C THR A 374 -3.98 0.22 32.95
N TYR A 375 -3.02 0.66 32.17
CA TYR A 375 -2.53 -0.16 31.07
C TYR A 375 -1.96 -1.48 31.57
N CYS A 376 -1.29 -1.42 32.72
CA CYS A 376 -0.73 -2.60 33.38
C CYS A 376 -1.86 -3.53 33.78
N GLU A 377 -2.90 -2.93 34.37
CA GLU A 377 -4.03 -3.60 35.01
C GLU A 377 -5.11 -4.01 34.00
N ALA A 378 -4.80 -4.00 32.71
CA ALA A 378 -5.78 -4.40 31.68
C ALA A 378 -6.38 -5.79 31.87
N ALA A 379 -7.69 -5.87 31.81
CA ALA A 379 -8.40 -7.14 31.78
C ALA A 379 -8.76 -7.50 30.34
N THR A 380 -8.40 -6.63 29.41
CA THR A 380 -8.69 -6.83 27.98
C THR A 380 -7.43 -6.58 27.18
N CYS A 381 -7.47 -6.89 25.88
CA CYS A 381 -6.28 -6.93 25.02
C CYS A 381 -5.38 -5.71 25.17
N ARG A 382 -4.10 -5.97 25.39
CA ARG A 382 -3.19 -4.91 25.80
C ARG A 382 -2.83 -4.02 24.65
N ARG A 383 -2.93 -4.57 23.45
CA ARG A 383 -2.52 -3.82 22.29
C ARG A 383 -3.57 -2.72 22.01
N GLN A 384 -4.84 -3.04 22.23
CA GLN A 384 -5.89 -2.04 22.08
C GLN A 384 -5.74 -0.88 23.06
N VAL A 385 -5.44 -1.21 24.31
CA VAL A 385 -5.24 -0.20 25.33
C VAL A 385 -4.10 0.72 24.96
N LEU A 386 -2.98 0.13 24.61
CA LEU A 386 -1.78 0.86 24.26
C LEU A 386 -2.00 1.80 23.08
N LEU A 387 -2.59 1.26 22.01
CA LEU A 387 -2.77 2.00 20.79
C LEU A 387 -3.79 3.11 20.98
N HIS A 388 -4.82 2.86 21.79
CA HIS A 388 -5.82 3.88 22.03
C HIS A 388 -5.20 5.15 22.59
N TYR A 389 -4.12 5.01 23.33
CA TYR A 389 -3.51 6.18 23.96
C TYR A 389 -2.92 7.10 22.92
N PHE A 390 -2.55 6.55 21.78
CA PHE A 390 -2.01 7.36 20.69
C PHE A 390 -3.08 7.65 19.61
N GLY A 391 -4.30 7.16 19.85
CA GLY A 391 -5.38 7.36 18.90
C GLY A 391 -5.62 6.27 17.88
N GLU A 392 -4.82 5.22 17.91
CA GLU A 392 -5.11 4.11 17.03
C GLU A 392 -6.20 3.21 17.61
N GLU A 393 -7.07 2.72 16.75
CA GLU A 393 -8.14 1.88 17.23
C GLU A 393 -8.03 0.54 16.55
N LEU A 394 -7.91 -0.49 17.38
CA LEU A 394 -7.77 -1.84 16.88
C LEU A 394 -9.11 -2.53 17.11
N SER A 395 -9.72 -2.99 16.03
CA SER A 395 -11.09 -3.48 16.08
C SER A 395 -11.17 -4.72 16.98
N GLU A 396 -10.31 -5.69 16.69
CA GLU A 396 -10.34 -6.96 17.39
C GLU A 396 -9.06 -7.20 18.19
N PRO A 397 -9.14 -8.02 19.26
CA PRO A 397 -7.99 -8.42 20.08
C PRO A 397 -6.82 -8.98 19.25
N CYS A 398 -5.61 -8.67 19.66
CA CYS A 398 -4.49 -8.88 18.77
C CYS A 398 -4.11 -10.34 18.65
N GLY A 399 -4.25 -11.08 19.75
CA GLY A 399 -3.81 -12.48 19.78
C GLY A 399 -2.31 -12.60 19.95
N ASN A 400 -1.63 -11.47 19.94
CA ASN A 400 -0.22 -11.41 20.29
C ASN A 400 0.13 -10.83 21.69
N CYS A 401 -0.81 -10.69 22.62
CA CYS A 401 -0.39 -10.21 23.94
C CYS A 401 -0.68 -11.18 25.09
N ASP A 402 -0.17 -10.86 26.28
CA ASP A 402 -0.26 -11.76 27.42
C ASP A 402 -1.69 -11.92 27.93
N VAL A 403 -2.54 -10.91 27.69
CA VAL A 403 -3.95 -10.94 28.07
C VAL A 403 -4.75 -11.76 27.09
N CYS A 404 -4.44 -11.57 25.82
CA CYS A 404 -5.07 -12.32 24.73
C CYS A 404 -4.80 -13.80 24.90
N LEU A 405 -3.52 -14.13 24.96
CA LEU A 405 -3.05 -15.51 24.97
C LEU A 405 -3.34 -16.25 26.26
N ASN A 406 -3.16 -15.59 27.40
CA ASN A 406 -3.36 -16.22 28.70
C ASN A 406 -4.35 -15.40 29.50
N PRO A 407 -5.64 -15.45 29.13
CA PRO A 407 -6.64 -14.52 29.69
C PRO A 407 -6.65 -14.49 31.18
N PRO A 408 -6.55 -13.32 31.78
CA PRO A 408 -6.49 -13.29 33.24
C PRO A 408 -7.86 -13.58 33.79
N ARG A 409 -7.96 -13.61 35.11
CA ARG A 409 -9.21 -13.98 35.75
C ARG A 409 -9.92 -12.65 36.07
N VAL A 410 -11.12 -12.45 35.51
CA VAL A 410 -11.81 -11.14 35.61
C VAL A 410 -13.13 -11.07 36.39
N ARG A 411 -13.43 -9.89 36.92
CA ARG A 411 -14.67 -9.68 37.65
C ARG A 411 -15.59 -8.74 36.85
N ASP A 412 -16.90 -9.02 36.83
CA ASP A 412 -17.80 -8.29 35.94
C ASP A 412 -18.43 -7.10 36.67
N LEU A 413 -17.96 -5.90 36.34
CA LEU A 413 -18.48 -4.64 36.91
C LEU A 413 -19.43 -3.84 35.99
N THR A 414 -19.88 -4.48 34.92
CA THR A 414 -20.68 -3.84 33.89
C THR A 414 -21.82 -3.00 34.45
N ARG A 415 -22.42 -3.46 35.54
CA ARG A 415 -23.50 -2.67 36.12
C ARG A 415 -22.96 -1.48 36.89
N GLU A 416 -21.80 -1.64 37.51
CA GLU A 416 -21.16 -0.52 38.18
C GLU A 416 -20.70 0.53 37.15
N ALA A 417 -20.24 0.02 36.02
CA ALA A 417 -19.81 0.85 34.91
C ALA A 417 -20.95 1.73 34.46
N GLN A 418 -22.12 1.13 34.22
CA GLN A 418 -23.34 1.88 33.87
C GLN A 418 -23.67 2.98 34.88
N MET A 419 -23.61 2.66 36.17
CA MET A 419 -23.82 3.69 37.17
C MET A 419 -22.87 4.86 36.96
N ALA A 420 -21.61 4.56 36.65
CA ALA A 420 -20.57 5.59 36.50
C ALA A 420 -20.77 6.39 35.23
N LEU A 421 -21.02 5.66 34.14
CA LEU A 421 -21.29 6.29 32.87
C LEU A 421 -22.50 7.22 32.96
N SER A 422 -23.58 6.71 33.53
CA SER A 422 -24.81 7.48 33.64
C SER A 422 -24.70 8.63 34.62
N ALA A 423 -23.90 8.45 35.66
CA ALA A 423 -23.72 9.51 36.62
C ALA A 423 -23.13 10.71 35.91
N THR A 424 -22.10 10.48 35.10
CA THR A 424 -21.41 11.62 34.52
C THR A 424 -22.20 12.26 33.38
N ILE A 425 -22.99 11.47 32.65
CA ILE A 425 -23.85 12.00 31.59
C ILE A 425 -24.82 12.97 32.25
N ARG A 426 -25.58 12.43 33.19
CA ARG A 426 -26.63 13.14 33.87
C ARG A 426 -26.12 14.37 34.61
N THR A 427 -24.81 14.45 34.80
CA THR A 427 -24.24 15.60 35.47
C THR A 427 -23.62 16.60 34.47
N GLY A 428 -23.76 16.30 33.19
CA GLY A 428 -23.28 17.19 32.16
C GLY A 428 -21.81 17.09 31.75
N ASN A 429 -21.23 15.90 31.87
CA ASN A 429 -20.01 15.52 31.21
C ASN A 429 -18.79 16.45 31.45
N ARG A 430 -18.88 17.27 32.48
CA ARG A 430 -17.80 18.16 32.84
C ARG A 430 -17.04 17.86 34.12
N PHE A 431 -17.45 16.86 34.89
CA PHE A 431 -16.88 16.73 36.24
C PHE A 431 -15.89 15.58 36.39
N GLY A 432 -14.92 15.78 37.30
CA GLY A 432 -13.78 14.90 37.48
C GLY A 432 -13.99 13.68 38.36
N ALA A 433 -13.11 12.70 38.20
CA ALA A 433 -13.27 11.37 38.81
C ALA A 433 -13.43 11.40 40.33
N ALA A 434 -12.61 12.18 41.01
CA ALA A 434 -12.80 12.35 42.45
C ALA A 434 -14.20 12.85 42.74
N HIS A 435 -14.64 13.87 42.00
CA HIS A 435 -15.95 14.47 42.23
C HIS A 435 -17.11 13.48 41.94
N LEU A 436 -17.09 12.88 40.75
CA LEU A 436 -18.12 11.92 40.38
C LEU A 436 -18.28 10.87 41.44
N THR A 437 -17.15 10.37 41.95
CA THR A 437 -17.16 9.29 42.94
C THR A 437 -17.88 9.76 44.19
N ASP A 438 -17.67 11.02 44.60
CA ASP A 438 -18.46 11.63 45.68
C ASP A 438 -19.95 11.47 45.43
N VAL A 439 -20.36 11.54 44.16
CA VAL A 439 -21.78 11.47 43.84
C VAL A 439 -22.37 10.08 44.05
N LEU A 440 -21.78 9.09 43.41
CA LEU A 440 -22.31 7.72 43.45
C LEU A 440 -22.23 7.13 44.87
N LEU A 441 -21.33 7.65 45.69
CA LEU A 441 -21.20 7.21 47.09
C LEU A 441 -22.27 7.89 47.97
N GLY A 442 -22.62 9.13 47.63
CA GLY A 442 -23.63 9.87 48.36
C GLY A 442 -23.06 10.92 49.27
N ARG A 443 -21.76 11.13 49.15
CA ARG A 443 -21.07 12.10 49.99
C ARG A 443 -21.51 13.50 49.65
N GLU A 444 -21.99 14.27 50.63
CA GLU A 444 -22.29 15.64 50.32
C GLU A 444 -21.08 16.47 50.70
N THR A 445 -20.30 16.79 49.68
CA THR A 445 -19.18 17.69 49.81
C THR A 445 -19.75 19.09 49.86
N ASP A 446 -18.97 20.04 50.32
CA ASP A 446 -19.36 21.42 50.16
C ASP A 446 -19.12 21.87 48.71
N LYS A 447 -18.44 21.03 47.93
CA LYS A 447 -18.34 21.20 46.48
C LYS A 447 -19.44 20.45 45.72
N VAL A 448 -20.10 19.50 46.38
CA VAL A 448 -21.22 18.75 45.79
C VAL A 448 -22.50 19.57 45.98
N LEU A 449 -22.50 20.37 47.05
CA LEU A 449 -23.64 21.22 47.35
C LEU A 449 -23.68 22.40 46.36
N ALA A 450 -22.52 22.88 45.96
CA ALA A 450 -22.42 23.96 44.99
C ALA A 450 -23.17 23.66 43.70
N GLN A 451 -23.15 22.41 43.26
CA GLN A 451 -23.85 22.01 42.03
C GLN A 451 -25.22 21.40 42.25
N GLY A 452 -25.66 21.33 43.51
CA GLY A 452 -26.94 20.73 43.83
C GLY A 452 -27.00 19.26 43.44
N HIS A 453 -25.84 18.66 43.21
CA HIS A 453 -25.78 17.31 42.70
C HIS A 453 -26.43 16.29 43.62
N HIS A 454 -26.59 16.66 44.89
CA HIS A 454 -27.16 15.78 45.92
C HIS A 454 -28.68 15.56 45.77
N GLN A 455 -29.30 16.39 44.94
CA GLN A 455 -30.74 16.35 44.75
C GLN A 455 -31.10 15.52 43.54
N LEU A 456 -30.08 14.98 42.88
CA LEU A 456 -30.27 14.14 41.70
C LEU A 456 -30.60 12.71 42.06
N PRO A 457 -31.36 12.03 41.19
CA PRO A 457 -31.67 10.60 41.29
C PRO A 457 -30.41 9.71 41.31
N THR A 458 -29.34 10.10 40.61
CA THR A 458 -28.09 9.39 40.78
C THR A 458 -27.34 10.18 41.88
N PHE A 459 -27.46 9.68 43.10
CA PHE A 459 -26.70 10.19 44.23
C PHE A 459 -26.64 9.03 45.19
N GLY A 460 -25.45 8.66 45.65
CA GLY A 460 -25.33 7.50 46.52
C GLY A 460 -25.89 6.23 45.90
N VAL A 461 -26.17 6.24 44.61
CA VAL A 461 -26.85 5.13 43.99
C VAL A 461 -25.87 3.94 43.87
N GLY A 462 -24.59 4.26 44.02
CA GLY A 462 -23.52 3.26 44.10
C GLY A 462 -22.95 2.99 45.50
N LYS A 463 -23.75 3.20 46.56
CA LYS A 463 -23.24 3.24 47.94
C LYS A 463 -22.72 1.89 48.42
N GLU A 464 -23.13 0.83 47.74
CA GLU A 464 -22.66 -0.52 48.05
C GLU A 464 -21.14 -0.68 48.01
N HIS A 465 -20.45 0.18 47.26
CA HIS A 465 -19.01 0.06 47.10
C HIS A 465 -18.26 1.20 47.77
N ASP A 466 -16.94 1.17 47.69
CA ASP A 466 -16.09 2.19 48.31
C ASP A 466 -15.35 2.98 47.26
N GLU A 467 -14.60 3.99 47.73
CA GLU A 467 -13.86 4.90 46.86
C GLU A 467 -12.85 4.20 45.94
N LYS A 468 -11.98 3.37 46.53
CA LYS A 468 -10.92 2.65 45.79
C LYS A 468 -11.49 1.93 44.57
N LEU A 469 -12.68 1.39 44.74
CA LEU A 469 -13.37 0.67 43.66
C LEU A 469 -13.92 1.58 42.53
N TRP A 470 -14.49 2.73 42.90
CA TRP A 470 -15.09 3.58 41.87
C TRP A 470 -13.98 4.22 41.09
N ARG A 471 -12.96 4.63 41.81
CA ARG A 471 -11.81 5.27 41.23
C ARG A 471 -11.08 4.43 40.21
N SER A 472 -11.09 3.12 40.46
CA SER A 472 -10.50 2.17 39.53
C SER A 472 -11.48 1.87 38.38
N VAL A 473 -12.77 1.70 38.68
CA VAL A 473 -13.80 1.51 37.65
C VAL A 473 -13.83 2.76 36.75
N LEU A 474 -13.68 3.92 37.36
CA LEU A 474 -13.45 5.12 36.57
C LEU A 474 -12.20 5.00 35.68
N ARG A 475 -11.03 4.75 36.27
CA ARG A 475 -9.77 4.63 35.53
C ARG A 475 -9.92 3.73 34.32
N GLN A 476 -10.66 2.64 34.47
CA GLN A 476 -10.83 1.68 33.39
C GLN A 476 -11.68 2.17 32.24
N LEU A 477 -12.72 2.92 32.60
CA LEU A 477 -13.65 3.50 31.63
C LEU A 477 -12.93 4.50 30.74
N VAL A 478 -12.18 5.39 31.37
CA VAL A 478 -11.24 6.23 30.65
C VAL A 478 -10.30 5.46 29.75
N SER A 479 -9.60 4.50 30.35
CA SER A 479 -8.59 3.79 29.63
C SER A 479 -9.15 3.04 28.45
N LEU A 480 -10.35 2.47 28.58
CA LEU A 480 -10.85 1.71 27.46
C LEU A 480 -11.56 2.62 26.47
N GLY A 481 -11.60 3.92 26.77
CA GLY A 481 -12.21 4.84 25.84
C GLY A 481 -13.72 5.01 26.01
N TYR A 482 -14.28 4.50 27.09
CA TYR A 482 -15.68 4.66 27.39
C TYR A 482 -15.86 6.02 28.04
N LEU A 483 -14.76 6.55 28.53
CA LEU A 483 -14.75 7.87 29.11
C LEU A 483 -13.62 8.68 28.46
N SER A 484 -13.82 9.98 28.36
CA SER A 484 -12.81 10.86 27.85
C SER A 484 -12.74 12.02 28.81
N ALA A 485 -11.56 12.60 29.03
CA ALA A 485 -11.44 13.71 29.98
C ALA A 485 -11.42 15.07 29.23
N ASP A 486 -12.41 15.94 29.48
CA ASP A 486 -12.44 17.22 28.73
C ASP A 486 -11.60 18.22 29.46
N ASP A 487 -12.09 18.75 30.58
CA ASP A 487 -11.36 19.71 31.42
C ASP A 487 -12.18 20.21 32.64
N HIS A 488 -11.46 20.70 33.65
CA HIS A 488 -10.04 20.43 33.70
C HIS A 488 -9.98 19.11 34.43
N PHE A 489 -9.68 18.08 33.63
CA PHE A 489 -9.88 16.70 34.02
C PHE A 489 -11.30 16.48 34.54
N GLY A 490 -12.26 16.55 33.62
CA GLY A 490 -13.65 16.26 33.94
C GLY A 490 -14.03 15.35 32.78
N LEU A 491 -15.07 14.55 32.96
CA LEU A 491 -15.16 13.36 32.11
C LEU A 491 -16.42 13.22 31.25
N ARG A 492 -16.23 12.93 29.97
CA ARG A 492 -17.32 12.80 29.03
C ARG A 492 -17.63 11.33 28.76
N ALA A 493 -18.90 10.99 28.69
CA ALA A 493 -19.27 9.73 28.09
C ALA A 493 -18.88 9.85 26.63
N THR A 494 -18.59 8.75 25.96
CA THR A 494 -18.21 8.87 24.54
C THR A 494 -19.22 8.18 23.66
N GLY A 495 -18.95 8.19 22.36
CA GLY A 495 -19.82 7.50 21.45
C GLY A 495 -19.80 6.02 21.73
N LYS A 496 -18.75 5.59 22.41
CA LYS A 496 -18.53 4.19 22.74
C LYS A 496 -19.28 3.78 24.00
N SER A 497 -19.63 4.75 24.83
CA SER A 497 -20.33 4.49 26.09
C SER A 497 -21.60 3.64 25.89
N ARG A 498 -22.12 3.71 24.67
CA ARG A 498 -23.37 3.07 24.33
C ARG A 498 -23.23 1.56 24.42
N GLY A 499 -22.04 1.07 24.12
CA GLY A 499 -21.77 -0.34 24.17
C GLY A 499 -22.06 -0.93 25.52
N ILE A 500 -21.71 -0.20 26.57
CA ILE A 500 -21.95 -0.67 27.92
C ILE A 500 -23.39 -0.36 28.33
N LEU A 501 -23.94 0.72 27.79
CA LEU A 501 -25.30 1.11 28.14
C LEU A 501 -26.43 0.34 27.38
N LYS A 502 -26.30 0.12 26.07
CA LYS A 502 -27.17 -0.82 25.33
C LYS A 502 -26.87 -2.20 25.82
N GLU A 503 -25.71 -2.29 26.45
CA GLU A 503 -25.00 -3.50 26.84
C GLU A 503 -24.58 -4.35 25.64
N GLY A 504 -24.53 -5.65 25.86
CA GLY A 504 -23.82 -6.52 24.95
C GLY A 504 -22.33 -6.46 25.26
N GLN A 505 -21.89 -5.35 25.86
CA GLN A 505 -20.47 -5.17 26.19
C GLN A 505 -20.34 -4.98 27.69
N LYS A 506 -19.22 -5.47 28.23
CA LYS A 506 -18.99 -5.49 29.67
C LYS A 506 -17.81 -4.64 30.11
N LEU A 507 -17.79 -4.25 31.38
CA LEU A 507 -16.57 -3.68 31.98
C LEU A 507 -15.98 -4.68 32.99
N LEU A 508 -14.80 -5.21 32.65
CA LEU A 508 -14.12 -6.17 33.50
C LEU A 508 -13.00 -5.51 34.30
N LEU A 509 -12.76 -6.05 35.48
CA LEU A 509 -11.59 -5.70 36.28
C LEU A 509 -10.76 -6.98 36.45
N ARG A 510 -9.46 -6.83 36.68
CA ARG A 510 -8.64 -7.99 37.03
C ARG A 510 -8.94 -8.44 38.45
N GLU A 511 -9.20 -9.75 38.62
CA GLU A 511 -9.43 -10.33 39.96
C GLU A 511 -8.16 -10.18 40.79
N ASP A 512 -7.06 -10.11 40.04
CA ASP A 512 -5.75 -9.63 40.45
C ASP A 512 -5.61 -8.34 41.28
N THR A 513 -6.44 -7.34 40.98
CA THR A 513 -6.46 -6.07 41.71
C THR A 513 -7.27 -6.10 42.98
N LEU A 514 -8.38 -6.81 42.87
CA LEU A 514 -9.41 -6.77 43.88
C LEU A 514 -9.02 -7.48 45.18
N LEU A 515 -8.90 -8.80 45.16
CA LEU A 515 -8.30 -9.57 46.26
C LEU A 515 -9.10 -9.52 47.53
N PRO A 516 -9.07 -10.60 48.29
CA PRO A 516 -9.81 -10.77 49.52
C PRO A 516 -9.75 -9.63 50.53
N GLY A 517 -8.74 -8.76 50.57
CA GLY A 517 -8.84 -7.54 51.39
C GLY A 517 -8.91 -7.93 52.84
N LEU A 518 -8.90 -6.97 53.76
CA LEU A 518 -8.44 -5.62 53.60
C LEU A 518 -6.93 -5.57 53.58
N GLU A 519 -6.39 -4.47 53.07
CA GLU A 519 -4.97 -4.21 53.20
C GLU A 519 -4.60 -4.00 54.68
N HIS A 520 -3.32 -4.22 54.97
CA HIS A 520 -2.84 -4.19 56.35
C HIS A 520 -1.35 -3.85 56.36
N HIS A 521 -0.84 -3.33 57.48
CA HIS A 521 0.53 -2.87 57.56
C HIS A 521 1.11 -3.23 58.93
N LEU B 8 -21.21 -17.57 -46.03
CA LEU B 8 -20.31 -17.14 -44.95
C LEU B 8 -18.95 -16.98 -45.61
N HIS B 9 -17.83 -17.31 -44.94
CA HIS B 9 -16.58 -17.57 -45.67
C HIS B 9 -16.24 -16.47 -46.69
N ASP B 10 -16.50 -16.80 -47.95
CA ASP B 10 -16.47 -15.83 -49.02
C ASP B 10 -17.23 -14.55 -48.66
N ARG B 11 -18.39 -14.70 -48.05
CA ARG B 11 -19.20 -13.54 -47.70
C ARG B 11 -18.47 -12.60 -46.75
N ALA B 12 -17.84 -13.17 -45.73
CA ALA B 12 -17.16 -12.35 -44.73
C ALA B 12 -16.01 -11.64 -45.40
N LEU B 13 -15.37 -12.38 -46.31
CA LEU B 13 -14.21 -11.90 -47.01
C LEU B 13 -14.60 -10.70 -47.83
N HIS B 14 -15.71 -10.81 -48.55
CA HIS B 14 -16.19 -9.72 -49.38
C HIS B 14 -16.49 -8.48 -48.58
N LEU B 15 -16.85 -8.68 -47.31
CA LEU B 15 -17.14 -7.56 -46.44
C LEU B 15 -15.83 -6.98 -45.97
N LEU B 16 -14.85 -7.84 -45.73
CA LEU B 16 -13.56 -7.37 -45.27
C LEU B 16 -12.96 -6.40 -46.26
N GLN B 17 -12.94 -6.85 -47.51
CA GLN B 17 -12.33 -6.04 -48.55
C GLN B 17 -13.13 -4.79 -48.87
N THR B 18 -14.42 -4.94 -49.15
CA THR B 18 -15.22 -3.82 -49.60
C THR B 18 -15.46 -2.76 -48.54
N ILE B 19 -15.20 -3.09 -47.28
CA ILE B 19 -15.49 -2.17 -46.20
C ILE B 19 -14.22 -1.56 -45.63
N TRP B 20 -13.37 -2.39 -45.02
CA TRP B 20 -12.12 -1.89 -44.46
C TRP B 20 -10.93 -1.89 -45.43
N GLY B 21 -11.09 -2.45 -46.62
CA GLY B 21 -9.99 -2.52 -47.59
C GLY B 21 -8.89 -3.55 -47.27
N TYR B 22 -9.08 -4.29 -46.19
CA TYR B 22 -8.11 -5.29 -45.79
C TYR B 22 -8.09 -6.45 -46.81
N PRO B 23 -6.90 -6.92 -47.17
CA PRO B 23 -6.74 -8.00 -48.15
C PRO B 23 -7.18 -9.40 -47.66
N ALA B 24 -6.96 -9.72 -46.38
CA ALA B 24 -7.30 -11.03 -45.85
C ALA B 24 -7.36 -11.06 -44.32
N PHE B 25 -7.80 -12.17 -43.75
CA PHE B 25 -7.95 -12.24 -42.31
C PHE B 25 -6.60 -12.36 -41.67
N ARG B 26 -6.39 -11.54 -40.65
CA ARG B 26 -5.13 -11.50 -39.96
C ARG B 26 -5.25 -12.49 -38.81
N GLY B 27 -4.40 -13.52 -38.80
CA GLY B 27 -4.41 -14.52 -37.73
C GLY B 27 -5.72 -15.30 -37.57
N VAL B 28 -6.24 -15.30 -36.35
CA VAL B 28 -7.38 -16.15 -36.02
C VAL B 28 -8.72 -15.44 -36.28
N GLN B 29 -8.67 -14.25 -36.88
CA GLN B 29 -9.89 -13.47 -37.16
C GLN B 29 -10.95 -14.29 -37.89
N GLY B 30 -10.60 -14.82 -39.06
CA GLY B 30 -11.55 -15.54 -39.89
C GLY B 30 -12.17 -16.72 -39.21
N GLU B 31 -11.42 -17.34 -38.32
CA GLU B 31 -11.90 -18.47 -37.55
C GLU B 31 -12.86 -18.02 -36.46
N ILE B 32 -12.43 -17.01 -35.71
CA ILE B 32 -13.26 -16.36 -34.69
C ILE B 32 -14.53 -15.82 -35.28
N VAL B 33 -14.39 -15.11 -36.38
CA VAL B 33 -15.54 -14.49 -37.05
C VAL B 33 -16.55 -15.56 -37.38
N GLN B 34 -16.07 -16.70 -37.86
CA GLN B 34 -16.98 -17.77 -38.17
C GLN B 34 -17.67 -18.39 -36.93
N GLN B 35 -17.00 -18.35 -35.78
CA GLN B 35 -17.58 -18.94 -34.59
C GLN B 35 -18.83 -18.17 -34.17
N VAL B 36 -18.67 -16.86 -34.11
CA VAL B 36 -19.74 -15.95 -33.72
C VAL B 36 -20.84 -15.90 -34.78
N ALA B 37 -20.47 -15.95 -36.05
CA ALA B 37 -21.50 -15.91 -37.12
C ALA B 37 -22.43 -17.14 -37.13
N GLU B 38 -21.94 -18.30 -36.73
CA GLU B 38 -22.74 -19.52 -36.79
C GLU B 38 -23.61 -19.69 -35.55
N GLY B 39 -23.50 -18.74 -34.62
CA GLY B 39 -24.26 -18.75 -33.39
C GLY B 39 -23.50 -19.05 -32.12
N GLY B 40 -22.25 -19.50 -32.24
CA GLY B 40 -21.47 -19.88 -31.08
C GLY B 40 -21.09 -18.70 -30.20
N ASN B 41 -20.81 -18.97 -28.92
CA ASN B 41 -20.18 -17.98 -28.04
C ASN B 41 -18.67 -17.86 -28.25
N ALA B 42 -18.09 -16.73 -27.84
CA ALA B 42 -16.65 -16.56 -28.01
C ALA B 42 -15.98 -15.65 -26.97
N LEU B 43 -14.77 -16.05 -26.57
CA LEU B 43 -13.82 -15.17 -25.89
C LEU B 43 -12.62 -14.83 -26.78
N VAL B 44 -12.28 -13.54 -26.86
CA VAL B 44 -11.17 -13.09 -27.71
C VAL B 44 -10.06 -12.35 -26.95
N LEU B 45 -8.83 -12.86 -27.04
CA LEU B 45 -7.66 -12.15 -26.50
C LEU B 45 -6.70 -11.70 -27.60
N MET B 46 -6.52 -10.40 -27.70
CA MET B 46 -5.58 -9.82 -28.63
C MET B 46 -4.97 -8.57 -28.04
N PRO B 47 -3.70 -8.30 -28.35
CA PRO B 47 -3.06 -7.03 -27.97
C PRO B 47 -3.64 -5.87 -28.78
N THR B 48 -3.46 -4.64 -28.33
CA THR B 48 -3.95 -3.49 -29.09
C THR B 48 -3.45 -3.55 -30.51
N GLY B 49 -4.34 -3.31 -31.46
CA GLY B 49 -3.99 -3.37 -32.86
C GLY B 49 -3.94 -4.78 -33.38
N GLY B 50 -4.14 -5.74 -32.50
CA GLY B 50 -4.17 -7.14 -32.90
C GLY B 50 -5.30 -7.47 -33.87
N GLY B 51 -6.31 -6.60 -33.94
CA GLY B 51 -7.49 -6.83 -34.76
C GLY B 51 -8.82 -7.19 -34.11
N LYS B 52 -8.97 -6.90 -32.82
CA LYS B 52 -10.23 -7.10 -32.09
C LYS B 52 -11.48 -6.48 -32.74
N SER B 53 -11.39 -5.23 -33.19
CA SER B 53 -12.63 -4.51 -33.45
C SER B 53 -13.53 -5.26 -34.43
N LEU B 54 -12.97 -5.93 -35.44
CA LEU B 54 -13.85 -6.55 -36.44
C LEU B 54 -14.22 -8.00 -36.12
N CYS B 55 -13.63 -8.56 -35.07
CA CYS B 55 -14.06 -9.87 -34.59
C CYS B 55 -15.54 -9.83 -34.20
N TYR B 56 -15.96 -8.77 -33.52
CA TYR B 56 -17.36 -8.60 -33.23
C TYR B 56 -18.15 -7.90 -34.34
N GLN B 57 -17.50 -6.98 -35.05
CA GLN B 57 -18.18 -6.26 -36.11
C GLN B 57 -18.58 -7.10 -37.31
N LEU B 58 -17.75 -8.05 -37.69
CA LEU B 58 -18.03 -8.81 -38.90
C LEU B 58 -19.21 -9.76 -38.80
N PRO B 59 -19.35 -10.50 -37.68
CA PRO B 59 -20.56 -11.32 -37.54
C PRO B 59 -21.84 -10.48 -37.50
N SER B 60 -21.79 -9.35 -36.82
CA SER B 60 -22.92 -8.44 -36.78
C SER B 60 -23.48 -8.18 -38.17
N LEU B 61 -22.59 -8.07 -39.15
CA LEU B 61 -23.01 -7.80 -40.53
C LEU B 61 -23.48 -9.08 -41.24
N LEU B 62 -22.97 -10.22 -40.80
CA LEU B 62 -23.30 -11.52 -41.41
C LEU B 62 -24.58 -12.14 -40.85
N ARG B 63 -24.79 -11.95 -39.55
CA ARG B 63 -26.05 -12.32 -38.91
C ARG B 63 -27.12 -11.30 -39.19
N PRO B 64 -28.36 -11.78 -39.30
CA PRO B 64 -29.54 -10.92 -39.34
C PRO B 64 -29.61 -10.16 -38.03
N GLY B 65 -29.95 -8.87 -38.10
CA GLY B 65 -30.05 -8.04 -36.92
C GLY B 65 -28.78 -7.30 -36.54
N THR B 66 -28.81 -6.78 -35.31
CA THR B 66 -27.92 -5.74 -34.83
C THR B 66 -26.95 -6.24 -33.77
N GLY B 67 -25.67 -5.97 -34.01
CA GLY B 67 -24.66 -6.16 -33.00
C GLY B 67 -24.80 -5.12 -31.93
N ILE B 68 -24.86 -5.57 -30.69
CA ILE B 68 -24.96 -4.68 -29.56
C ILE B 68 -23.61 -4.70 -28.87
N VAL B 69 -22.94 -3.58 -28.89
CA VAL B 69 -21.57 -3.55 -28.41
C VAL B 69 -21.48 -2.73 -27.13
N VAL B 70 -20.85 -3.32 -26.11
CA VAL B 70 -20.76 -2.69 -24.81
C VAL B 70 -19.37 -2.09 -24.54
N SER B 71 -19.33 -0.78 -24.30
CA SER B 71 -18.05 -0.14 -24.03
C SER B 71 -18.15 0.83 -22.86
N PRO B 72 -17.11 0.89 -22.04
CA PRO B 72 -17.16 1.81 -20.89
C PRO B 72 -17.03 3.31 -21.25
N LEU B 73 -16.36 3.66 -22.33
CA LEU B 73 -16.11 5.08 -22.59
C LEU B 73 -16.94 5.66 -23.72
N ILE B 74 -17.79 6.63 -23.39
CA ILE B 74 -18.72 7.24 -24.34
C ILE B 74 -18.01 8.06 -25.42
N ALA B 75 -16.95 8.77 -25.03
CA ALA B 75 -16.24 9.70 -25.92
C ALA B 75 -15.60 9.04 -27.15
N LEU B 76 -15.05 7.83 -26.98
CA LEU B 76 -14.41 7.13 -28.09
C LEU B 76 -15.40 6.48 -29.06
N MET B 77 -16.50 5.97 -28.53
CA MET B 77 -17.50 5.29 -29.34
C MET B 77 -18.14 6.27 -30.31
N LYS B 78 -18.29 7.53 -29.90
CA LYS B 78 -18.81 8.56 -30.80
C LYS B 78 -18.01 8.68 -32.10
N ASP B 79 -16.68 8.67 -32.02
CA ASP B 79 -15.84 8.69 -33.21
C ASP B 79 -15.73 7.30 -33.84
N GLN B 80 -15.81 6.25 -33.02
CA GLN B 80 -15.73 4.90 -33.58
C GLN B 80 -16.98 4.60 -34.38
N VAL B 81 -18.09 5.19 -33.95
CA VAL B 81 -19.35 5.10 -34.68
C VAL B 81 -19.30 5.90 -35.97
N ASP B 82 -18.78 7.14 -35.88
CA ASP B 82 -18.67 8.01 -37.04
C ASP B 82 -17.88 7.34 -38.14
N THR B 83 -16.71 6.81 -37.80
CA THR B 83 -15.88 6.08 -38.75
C THR B 83 -16.62 4.88 -39.37
N LEU B 84 -17.44 4.20 -38.56
CA LEU B 84 -18.25 3.09 -39.07
C LEU B 84 -19.20 3.58 -40.16
N ARG B 85 -19.80 4.74 -39.92
CA ARG B 85 -20.77 5.24 -40.88
C ARG B 85 -20.04 5.72 -42.11
N GLN B 86 -18.82 6.22 -41.92
CA GLN B 86 -18.02 6.70 -43.04
C GLN B 86 -17.77 5.54 -44.00
N ASN B 87 -17.52 4.37 -43.43
CA ASN B 87 -17.20 3.18 -44.18
C ASN B 87 -18.39 2.47 -44.78
N GLY B 88 -19.60 2.99 -44.51
CA GLY B 88 -20.84 2.51 -45.09
C GLY B 88 -21.67 1.60 -44.18
N VAL B 89 -21.29 1.56 -42.91
CA VAL B 89 -21.89 0.65 -41.96
C VAL B 89 -22.88 1.39 -41.09
N ARG B 90 -24.09 0.89 -40.96
CA ARG B 90 -25.09 1.66 -40.24
C ARG B 90 -24.97 1.32 -38.76
N ALA B 91 -24.37 2.26 -38.05
CA ALA B 91 -24.07 2.09 -36.64
C ALA B 91 -24.48 3.32 -35.87
N ALA B 92 -24.77 3.13 -34.59
CA ALA B 92 -25.23 4.22 -33.76
C ALA B 92 -24.80 3.98 -32.33
N PHE B 93 -24.77 5.08 -31.59
CA PHE B 93 -24.44 5.00 -30.19
C PHE B 93 -25.58 5.67 -29.45
N LEU B 94 -25.81 5.16 -28.25
CA LEU B 94 -26.85 5.67 -27.42
C LEU B 94 -26.36 5.74 -25.96
N ASN B 95 -26.34 6.95 -25.43
CA ASN B 95 -26.10 7.22 -24.01
C ASN B 95 -27.02 8.40 -23.70
N SER B 96 -27.28 8.73 -22.43
CA SER B 96 -28.37 9.70 -22.14
C SER B 96 -27.84 11.12 -22.12
N THR B 97 -26.58 11.28 -22.51
CA THR B 97 -26.18 12.57 -22.95
C THR B 97 -26.32 12.42 -24.45
N LEU B 98 -27.54 12.67 -24.86
CA LEU B 98 -27.98 12.77 -26.23
C LEU B 98 -29.25 13.53 -25.95
N LEU B 99 -29.65 14.49 -26.80
CA LEU B 99 -30.97 15.07 -26.61
C LEU B 99 -32.03 13.99 -26.80
N PRO B 100 -33.18 14.10 -26.09
CA PRO B 100 -34.17 13.02 -26.10
C PRO B 100 -34.76 12.69 -27.48
N HIS B 101 -34.83 13.63 -28.43
CA HIS B 101 -35.47 13.27 -29.70
C HIS B 101 -34.61 12.47 -30.69
N GLU B 102 -33.31 12.68 -30.75
CA GLU B 102 -32.50 11.83 -31.61
C GLU B 102 -32.32 10.53 -30.88
N ALA B 103 -32.28 10.62 -29.55
CA ALA B 103 -32.11 9.45 -28.70
C ALA B 103 -33.18 8.40 -28.96
N ARG B 104 -34.40 8.83 -29.28
CA ARG B 104 -35.38 7.82 -29.63
C ARG B 104 -35.43 7.61 -31.17
N GLU B 105 -34.85 8.53 -31.96
CA GLU B 105 -34.65 8.26 -33.39
C GLU B 105 -33.70 7.08 -33.61
N VAL B 106 -32.78 6.90 -32.67
CA VAL B 106 -31.89 5.77 -32.72
C VAL B 106 -32.65 4.55 -32.25
N GLU B 107 -33.47 4.75 -31.21
CA GLU B 107 -34.29 3.68 -30.67
C GLU B 107 -35.25 3.11 -31.69
N ASP B 108 -35.81 3.96 -32.55
CA ASP B 108 -36.75 3.49 -33.56
C ASP B 108 -36.06 2.78 -34.71
N ALA B 109 -34.82 3.19 -35.00
CA ALA B 109 -33.99 2.52 -36.00
C ALA B 109 -33.56 1.14 -35.48
N LEU B 110 -33.30 1.06 -34.18
CA LEU B 110 -33.02 -0.21 -33.55
C LEU B 110 -34.20 -1.19 -33.70
N LEU B 111 -35.41 -0.70 -33.43
CA LEU B 111 -36.58 -1.57 -33.43
C LEU B 111 -36.98 -1.97 -34.84
N ARG B 112 -36.58 -1.18 -35.83
CA ARG B 112 -36.91 -1.55 -37.20
C ARG B 112 -35.85 -2.48 -37.78
N GLY B 113 -34.85 -2.78 -36.96
CA GLY B 113 -33.72 -3.57 -37.40
C GLY B 113 -32.91 -2.84 -38.46
N ASP B 114 -32.75 -1.54 -38.29
CA ASP B 114 -32.09 -0.70 -39.27
C ASP B 114 -30.64 -0.41 -38.93
N LEU B 115 -30.20 -1.00 -37.82
CA LEU B 115 -28.85 -0.73 -37.34
C LEU B 115 -27.98 -1.98 -37.37
N ASP B 116 -26.80 -1.85 -37.96
CA ASP B 116 -25.82 -2.92 -37.96
C ASP B 116 -25.18 -3.06 -36.58
N LEU B 117 -24.70 -1.96 -36.03
CA LEU B 117 -24.13 -1.98 -34.69
C LEU B 117 -24.75 -0.87 -33.82
N LEU B 118 -24.95 -1.19 -32.55
CA LEU B 118 -25.45 -0.17 -31.62
C LEU B 118 -24.57 -0.13 -30.40
N TYR B 119 -23.90 1.03 -30.21
CA TYR B 119 -23.00 1.19 -29.09
C TYR B 119 -23.72 1.75 -27.89
N VAL B 120 -23.63 1.03 -26.78
CA VAL B 120 -24.36 1.37 -25.59
C VAL B 120 -23.45 1.22 -24.39
N ALA B 121 -23.31 2.30 -23.63
CA ALA B 121 -22.58 2.27 -22.37
C ALA B 121 -23.39 1.42 -21.42
N PRO B 122 -22.71 0.60 -20.59
CA PRO B 122 -23.40 -0.24 -19.61
C PRO B 122 -24.36 0.57 -18.71
N GLU B 123 -24.04 1.85 -18.50
CA GLU B 123 -24.87 2.83 -17.79
C GLU B 123 -26.32 2.67 -18.23
N ARG B 124 -26.54 2.68 -19.54
CA ARG B 124 -27.84 2.61 -20.17
C ARG B 124 -28.34 1.22 -20.32
N LEU B 125 -27.41 0.35 -20.72
CA LEU B 125 -27.72 -1.01 -21.06
C LEU B 125 -28.44 -1.70 -19.94
N LEU B 126 -27.93 -1.50 -18.73
CA LEU B 126 -28.40 -2.27 -17.62
C LEU B 126 -29.77 -1.83 -17.10
N MET B 127 -30.15 -0.60 -17.44
CA MET B 127 -31.49 -0.08 -17.17
C MET B 127 -32.55 -0.94 -17.84
N PRO B 128 -33.49 -1.49 -17.05
CA PRO B 128 -34.67 -2.02 -17.73
C PRO B 128 -35.21 -0.82 -18.45
N ARG B 129 -35.92 -0.96 -19.57
CA ARG B 129 -36.20 0.09 -20.57
C ARG B 129 -35.12 0.21 -21.62
N THR B 130 -33.88 -0.19 -21.34
CA THR B 130 -32.99 -0.53 -22.44
C THR B 130 -33.16 -2.01 -22.75
N LEU B 131 -33.25 -2.79 -21.68
CA LEU B 131 -33.38 -4.24 -21.77
C LEU B 131 -34.60 -4.66 -22.56
N ASP B 132 -35.76 -4.13 -22.19
CA ASP B 132 -36.93 -4.53 -22.93
C ASP B 132 -36.86 -4.05 -24.37
N LEU B 133 -36.35 -2.84 -24.56
CA LEU B 133 -36.25 -2.29 -25.90
C LEU B 133 -35.49 -3.24 -26.81
N LEU B 134 -34.52 -3.93 -26.22
CA LEU B 134 -33.69 -4.90 -26.90
C LEU B 134 -34.45 -6.18 -27.16
N GLU B 135 -35.34 -6.51 -26.23
CA GLU B 135 -36.19 -7.71 -26.33
C GLU B 135 -37.12 -7.61 -27.52
N ARG B 136 -37.46 -6.38 -27.89
CA ARG B 136 -38.35 -6.11 -29.01
C ARG B 136 -37.62 -5.83 -30.30
N ALA B 137 -36.29 -5.94 -30.23
CA ALA B 137 -35.44 -5.59 -31.36
C ALA B 137 -34.77 -6.84 -31.88
N PRO B 138 -34.53 -6.86 -33.19
CA PRO B 138 -33.80 -7.92 -33.89
C PRO B 138 -32.31 -7.81 -33.63
N VAL B 139 -31.88 -8.44 -32.54
CA VAL B 139 -30.49 -8.45 -32.09
C VAL B 139 -29.68 -9.61 -32.71
N ALA B 140 -28.54 -9.28 -33.33
CA ALA B 140 -27.64 -10.27 -33.92
C ALA B 140 -26.69 -10.95 -32.92
N LEU B 141 -26.24 -10.20 -31.91
CA LEU B 141 -25.26 -10.70 -30.92
C LEU B 141 -25.01 -9.58 -29.92
N PHE B 142 -24.43 -9.91 -28.77
CA PHE B 142 -23.90 -8.89 -27.87
C PHE B 142 -22.38 -8.91 -27.97
N ALA B 143 -21.78 -7.74 -28.10
CA ALA B 143 -20.32 -7.60 -28.17
C ALA B 143 -19.82 -6.85 -26.96
N ILE B 144 -19.10 -7.55 -26.08
CA ILE B 144 -18.64 -6.88 -24.89
C ILE B 144 -17.17 -6.55 -25.05
N ASP B 145 -16.90 -5.26 -25.29
CA ASP B 145 -15.56 -4.73 -25.46
C ASP B 145 -14.94 -4.61 -24.10
N GLU B 146 -13.63 -4.54 -24.06
CA GLU B 146 -12.90 -4.29 -22.81
C GLU B 146 -13.46 -5.14 -21.69
N ALA B 147 -13.64 -6.42 -21.97
CA ALA B 147 -14.34 -7.35 -21.08
C ALA B 147 -13.58 -7.54 -19.78
N HIS B 148 -12.34 -7.08 -19.74
CA HIS B 148 -11.52 -7.17 -18.55
C HIS B 148 -12.16 -6.37 -17.39
N CYS B 149 -13.01 -5.40 -17.72
CA CYS B 149 -13.62 -4.53 -16.71
C CYS B 149 -14.70 -5.18 -15.84
N VAL B 150 -15.15 -6.39 -16.17
CA VAL B 150 -16.16 -7.10 -15.36
C VAL B 150 -15.57 -7.45 -14.00
N SER B 151 -14.30 -7.11 -13.88
CA SER B 151 -13.44 -7.86 -13.04
C SER B 151 -12.29 -7.08 -12.25
N GLN B 152 -12.12 -7.38 -10.94
CA GLN B 152 -10.77 -7.83 -10.51
C GLN B 152 -9.36 -7.10 -10.37
N TRP B 153 -8.25 -7.82 -10.59
CA TRP B 153 -6.90 -7.24 -10.60
C TRP B 153 -6.65 -6.40 -11.91
N GLY B 154 -6.17 -5.18 -11.73
CA GLY B 154 -5.59 -4.35 -12.80
C GLY B 154 -6.37 -3.48 -13.78
N HIS B 155 -5.73 -2.35 -14.10
CA HIS B 155 -5.92 -1.53 -15.32
C HIS B 155 -7.19 -0.69 -15.37
N ASP B 156 -8.21 -1.13 -14.64
CA ASP B 156 -9.57 -0.67 -14.88
C ASP B 156 -10.52 -1.31 -13.88
N PHE B 157 -11.67 -1.66 -14.43
CA PHE B 157 -12.87 -2.24 -13.80
C PHE B 157 -13.73 -1.26 -13.03
N ARG B 158 -14.82 -1.75 -12.45
CA ARG B 158 -16.02 -0.92 -12.18
C ARG B 158 -17.04 -1.70 -11.38
N PRO B 159 -17.77 -1.02 -10.49
CA PRO B 159 -18.84 -1.71 -9.78
C PRO B 159 -20.01 -2.08 -10.69
N GLU B 160 -20.35 -1.19 -11.61
CA GLU B 160 -21.52 -1.34 -12.50
C GLU B 160 -21.34 -2.41 -13.58
N TYR B 161 -20.09 -2.59 -14.00
CA TYR B 161 -19.81 -3.40 -15.17
C TYR B 161 -19.76 -4.89 -14.80
N GLN B 162 -19.80 -5.20 -13.50
CA GLN B 162 -19.85 -6.60 -13.07
C GLN B 162 -21.21 -7.21 -13.34
N GLN B 163 -22.23 -6.35 -13.42
CA GLN B 163 -23.62 -6.76 -13.47
C GLN B 163 -24.05 -7.30 -14.83
N LEU B 164 -23.16 -7.27 -15.79
CA LEU B 164 -23.46 -7.71 -17.16
C LEU B 164 -23.85 -9.18 -17.24
N SER B 165 -23.83 -9.88 -16.10
CA SER B 165 -24.36 -11.25 -16.04
C SER B 165 -25.79 -11.34 -16.55
N VAL B 166 -26.50 -10.22 -16.51
CA VAL B 166 -27.87 -10.14 -17.00
C VAL B 166 -28.03 -10.61 -18.47
N LEU B 167 -27.03 -10.33 -19.32
CA LEU B 167 -27.10 -10.64 -20.75
C LEU B 167 -27.31 -12.12 -21.01
N ALA B 168 -26.59 -12.97 -20.27
CA ALA B 168 -26.71 -14.42 -20.43
C ALA B 168 -28.00 -15.00 -19.84
N GLU B 169 -28.51 -14.42 -18.74
CA GLU B 169 -29.74 -14.97 -18.15
C GLU B 169 -30.96 -14.60 -18.93
N ARG B 170 -31.07 -13.31 -19.24
CA ARG B 170 -32.22 -12.75 -19.94
C ARG B 170 -32.17 -13.03 -21.44
N PHE B 171 -30.96 -13.15 -21.98
CA PHE B 171 -30.77 -13.44 -23.40
C PHE B 171 -29.89 -14.68 -23.61
N PRO B 172 -30.35 -15.86 -23.16
CA PRO B 172 -29.51 -17.01 -23.42
C PRO B 172 -29.40 -17.28 -24.91
N GLU B 173 -30.47 -16.97 -25.64
CA GLU B 173 -30.58 -17.27 -27.07
C GLU B 173 -29.52 -16.57 -27.95
N LEU B 174 -29.16 -15.33 -27.61
CA LEU B 174 -28.26 -14.52 -28.43
C LEU B 174 -26.80 -14.73 -28.07
N PRO B 175 -25.92 -14.87 -29.08
CA PRO B 175 -24.49 -15.18 -28.91
C PRO B 175 -23.66 -14.06 -28.25
N ARG B 176 -22.70 -14.46 -27.42
CA ARG B 176 -21.88 -13.47 -26.71
C ARG B 176 -20.40 -13.61 -27.00
N VAL B 177 -19.80 -12.48 -27.38
CA VAL B 177 -18.36 -12.39 -27.64
C VAL B 177 -17.72 -11.34 -26.76
N ALA B 178 -16.75 -11.77 -25.96
CA ALA B 178 -16.01 -10.88 -25.08
C ALA B 178 -14.62 -10.56 -25.64
N LEU B 179 -14.19 -9.32 -25.51
CA LEU B 179 -12.89 -8.93 -26.03
C LEU B 179 -12.13 -8.01 -25.07
N THR B 180 -10.84 -8.31 -24.92
CA THR B 180 -9.96 -7.51 -24.07
C THR B 180 -8.54 -7.43 -24.61
N ALA B 181 -7.90 -6.29 -24.39
CA ALA B 181 -6.51 -6.07 -24.81
C ALA B 181 -5.53 -6.70 -23.81
N THR B 182 -5.87 -6.66 -22.53
CA THR B 182 -5.03 -7.17 -21.44
C THR B 182 -5.73 -8.25 -20.60
N ALA B 183 -5.25 -9.50 -20.63
CA ALA B 183 -5.89 -10.53 -19.81
C ALA B 183 -4.96 -11.42 -18.97
N ASP B 184 -5.06 -11.23 -17.64
CA ASP B 184 -4.47 -12.14 -16.66
C ASP B 184 -5.27 -13.46 -16.75
N GLU B 185 -4.66 -14.59 -16.39
CA GLU B 185 -5.39 -15.86 -16.52
C GLU B 185 -6.48 -16.09 -15.48
N ARG B 186 -6.24 -15.69 -14.27
CA ARG B 186 -7.34 -15.74 -13.36
C ARG B 186 -8.40 -14.55 -13.55
N THR B 187 -8.15 -13.55 -14.41
CA THR B 187 -9.26 -12.65 -14.85
C THR B 187 -10.17 -13.34 -15.83
N ARG B 188 -9.57 -14.10 -16.74
CA ARG B 188 -10.32 -14.78 -17.78
C ARG B 188 -11.36 -15.66 -17.10
N ALA B 189 -10.96 -16.25 -15.97
CA ALA B 189 -11.87 -17.03 -15.15
C ALA B 189 -13.06 -16.19 -14.68
N ASP B 190 -12.84 -14.90 -14.41
CA ASP B 190 -13.93 -14.00 -14.04
C ASP B 190 -14.77 -13.47 -15.22
N ILE B 191 -14.10 -13.08 -16.31
CA ILE B 191 -14.79 -12.75 -17.55
C ILE B 191 -15.72 -13.89 -17.91
N LYS B 192 -15.16 -15.09 -17.86
CA LYS B 192 -15.89 -16.30 -18.21
C LYS B 192 -16.99 -16.58 -17.21
N SER B 193 -16.74 -16.30 -15.94
CA SER B 193 -17.77 -16.43 -14.91
C SER B 193 -18.99 -15.56 -15.20
N VAL B 194 -18.79 -14.25 -15.05
CA VAL B 194 -19.82 -13.23 -15.20
C VAL B 194 -20.69 -13.40 -16.45
N LEU B 195 -20.03 -13.62 -17.58
CA LEU B 195 -20.69 -13.68 -18.88
C LEU B 195 -21.04 -15.10 -19.33
N ARG B 196 -20.82 -16.10 -18.47
CA ARG B 196 -21.22 -17.50 -18.71
C ARG B 196 -20.49 -18.13 -19.88
N LEU B 197 -19.21 -17.85 -20.01
CA LEU B 197 -18.52 -18.25 -21.23
C LEU B 197 -17.64 -19.52 -21.25
N GLU B 198 -17.52 -20.27 -20.16
CA GLU B 198 -16.48 -21.33 -20.14
C GLU B 198 -16.69 -22.60 -20.98
N ASP B 199 -17.88 -22.81 -21.55
CA ASP B 199 -18.07 -23.95 -22.44
C ASP B 199 -17.79 -23.58 -23.89
N ALA B 200 -17.52 -22.29 -24.08
CA ALA B 200 -17.21 -21.71 -25.39
C ALA B 200 -15.72 -21.74 -25.69
N PRO B 201 -15.35 -21.84 -26.97
CA PRO B 201 -13.93 -21.78 -27.36
C PRO B 201 -13.25 -20.45 -27.02
N GLN B 202 -11.95 -20.49 -26.83
CA GLN B 202 -11.15 -19.32 -26.49
C GLN B 202 -10.04 -19.14 -27.51
N PHE B 203 -9.77 -17.89 -27.85
CA PHE B 203 -8.88 -17.56 -28.96
C PHE B 203 -7.73 -16.63 -28.56
N VAL B 204 -6.51 -17.00 -28.95
CA VAL B 204 -5.35 -16.13 -28.73
C VAL B 204 -4.52 -15.97 -30.00
N SER B 205 -4.08 -14.74 -30.24
CA SER B 205 -3.35 -14.41 -31.46
C SER B 205 -2.97 -12.92 -31.54
N SER B 206 -2.11 -12.62 -32.51
CA SER B 206 -1.50 -11.28 -32.71
C SER B 206 -0.54 -10.82 -31.61
N PHE B 207 -0.33 -11.63 -30.58
CA PHE B 207 0.60 -11.23 -29.52
C PHE B 207 2.01 -11.17 -30.08
N ASP B 208 2.43 -12.16 -30.87
CA ASP B 208 3.77 -12.12 -31.44
C ASP B 208 3.93 -10.90 -32.35
N ARG B 209 5.15 -10.42 -32.43
CA ARG B 209 5.51 -9.35 -33.34
C ARG B 209 6.89 -9.70 -33.91
N PRO B 210 6.95 -10.70 -34.82
CA PRO B 210 8.18 -11.35 -35.27
C PRO B 210 9.26 -10.38 -35.75
N ASN B 211 8.85 -9.19 -36.13
CA ASN B 211 9.74 -8.17 -36.64
C ASN B 211 10.49 -7.42 -35.53
N ILE B 212 10.09 -7.62 -34.28
CA ILE B 212 10.82 -7.01 -33.17
C ILE B 212 11.89 -7.94 -32.66
N GLN B 213 13.09 -7.43 -32.41
CA GLN B 213 14.11 -8.28 -31.81
C GLN B 213 14.27 -7.98 -30.31
N TYR B 214 13.95 -8.97 -29.47
CA TYR B 214 14.00 -8.76 -28.03
C TYR B 214 15.35 -9.14 -27.46
N ARG B 215 15.92 -8.20 -26.70
CA ARG B 215 17.19 -8.40 -26.03
C ARG B 215 17.15 -7.88 -24.59
N VAL B 216 17.52 -8.71 -23.65
CA VAL B 216 17.59 -8.26 -22.28
C VAL B 216 18.98 -8.50 -21.72
N GLY B 217 19.47 -7.60 -20.89
CA GLY B 217 20.74 -7.83 -20.25
C GLY B 217 20.86 -7.16 -18.91
N LEU B 218 21.95 -7.45 -18.20
CA LEU B 218 22.25 -6.79 -16.94
C LEU B 218 22.87 -5.40 -17.15
N LYS B 219 22.86 -4.60 -16.07
CA LYS B 219 23.42 -3.24 -16.03
C LYS B 219 24.81 -3.15 -15.42
N ASP B 220 25.75 -2.53 -16.11
CA ASP B 220 26.92 -2.06 -15.37
C ASP B 220 26.79 -0.55 -15.14
N SER B 221 27.11 0.25 -16.15
CA SER B 221 26.83 1.66 -16.10
C SER B 221 25.83 1.87 -17.23
N PRO B 222 24.54 1.99 -16.86
CA PRO B 222 23.46 1.91 -17.84
C PRO B 222 23.48 3.01 -18.90
N LYS B 223 23.93 4.20 -18.51
CA LYS B 223 23.79 5.37 -19.37
C LYS B 223 24.62 5.16 -20.61
N THR B 224 25.89 4.92 -20.33
CA THR B 224 26.91 4.64 -21.33
C THR B 224 26.55 3.49 -22.29
N GLN B 225 26.06 2.37 -21.77
CA GLN B 225 25.70 1.23 -22.61
C GLN B 225 24.67 1.59 -23.68
N LEU B 226 23.80 2.54 -23.32
CA LEU B 226 22.71 2.96 -24.20
C LEU B 226 23.27 3.74 -25.36
N LEU B 227 24.07 4.75 -25.02
CA LEU B 227 24.75 5.58 -26.01
C LEU B 227 25.42 4.70 -27.05
N HIS B 228 26.10 3.66 -26.56
CA HIS B 228 26.81 2.73 -27.43
C HIS B 228 25.81 2.05 -28.36
N PHE B 229 24.68 1.66 -27.80
CA PHE B 229 23.68 0.91 -28.54
C PHE B 229 23.11 1.75 -29.68
N ILE B 230 22.87 3.03 -29.39
CA ILE B 230 22.30 3.93 -30.39
C ILE B 230 23.23 4.06 -31.56
N ARG B 231 24.45 4.50 -31.24
CA ARG B 231 25.54 4.78 -32.18
C ARG B 231 25.66 3.73 -33.28
N GLU B 232 25.90 2.48 -32.89
CA GLU B 232 26.08 1.37 -33.82
C GLU B 232 24.87 0.79 -34.56
N GLU B 233 23.79 0.42 -33.85
CA GLU B 233 22.70 -0.24 -34.54
C GLU B 233 21.54 0.67 -34.93
N HIS B 234 21.46 1.87 -34.34
CA HIS B 234 20.37 2.82 -34.66
C HIS B 234 20.81 4.29 -34.59
N PRO B 235 21.79 4.69 -35.42
CA PRO B 235 22.46 5.99 -35.32
C PRO B 235 21.60 7.21 -35.69
N GLY B 236 20.84 7.08 -36.78
CA GLY B 236 19.91 8.10 -37.21
C GLY B 236 18.46 7.69 -37.02
N ASP B 237 18.19 6.70 -36.16
CA ASP B 237 16.85 6.08 -36.10
C ASP B 237 15.94 6.58 -34.99
N ALA B 238 14.65 6.23 -35.12
CA ALA B 238 13.60 6.62 -34.16
C ALA B 238 13.41 5.61 -33.01
N GLY B 239 13.35 6.11 -31.78
CA GLY B 239 13.20 5.23 -30.64
C GLY B 239 12.81 5.80 -29.29
N ILE B 240 12.26 4.94 -28.43
CA ILE B 240 11.88 5.33 -27.06
C ILE B 240 12.80 4.71 -25.98
N VAL B 241 13.01 5.48 -24.92
CA VAL B 241 13.83 5.14 -23.78
C VAL B 241 13.07 5.37 -22.49
N TYR B 242 12.74 4.29 -21.79
CA TYR B 242 11.86 4.30 -20.61
C TYR B 242 12.63 4.18 -19.30
N CYS B 243 12.24 4.92 -18.28
CA CYS B 243 12.83 4.79 -16.93
C CYS B 243 11.76 4.85 -15.84
N LEU B 244 12.04 4.31 -14.66
CA LEU B 244 11.10 4.47 -13.56
C LEU B 244 10.84 5.92 -13.12
N SER B 245 11.83 6.51 -12.46
CA SER B 245 11.66 7.77 -11.73
C SER B 245 11.69 8.98 -12.64
N ARG B 246 11.08 10.07 -12.18
CA ARG B 246 11.12 11.34 -12.87
C ARG B 246 12.55 11.87 -12.94
N LYS B 247 13.29 11.64 -11.86
CA LYS B 247 14.70 12.06 -11.77
C LYS B 247 15.51 11.43 -12.90
N SER B 248 15.47 10.11 -12.94
CA SER B 248 16.19 9.32 -13.93
C SER B 248 15.85 9.66 -15.37
N VAL B 249 14.57 9.88 -15.64
CA VAL B 249 14.14 10.09 -17.03
C VAL B 249 14.82 11.25 -17.72
N GLU B 250 14.90 12.41 -17.08
CA GLU B 250 15.67 13.44 -17.74
C GLU B 250 17.10 13.68 -17.23
N GLU B 251 17.57 12.99 -16.19
CA GLU B 251 19.04 12.97 -16.05
C GLU B 251 19.50 12.38 -17.34
N THR B 252 18.86 11.27 -17.70
CA THR B 252 19.10 10.56 -18.94
C THR B 252 18.93 11.47 -20.16
N ALA B 253 17.97 12.39 -20.10
CA ALA B 253 17.69 13.28 -21.24
C ALA B 253 18.70 14.43 -21.34
N LYS B 254 18.99 15.07 -20.21
CA LYS B 254 20.03 16.09 -20.13
C LYS B 254 21.34 15.49 -20.65
N TRP B 255 21.64 14.31 -20.13
CA TRP B 255 22.79 13.48 -20.48
C TRP B 255 22.82 13.11 -21.97
N LEU B 256 21.64 13.00 -22.60
CA LEU B 256 21.59 12.62 -24.01
C LEU B 256 22.24 13.61 -24.95
N GLN B 257 22.09 14.91 -24.70
CA GLN B 257 23.11 15.79 -25.26
C GLN B 257 23.87 16.46 -24.13
N ALA B 258 24.92 15.81 -23.64
CA ALA B 258 26.22 16.39 -23.62
C ALA B 258 26.83 15.77 -24.87
N GLN B 259 26.20 14.66 -25.28
CA GLN B 259 26.71 13.83 -26.38
C GLN B 259 26.06 14.08 -27.73
N GLY B 260 25.18 15.08 -27.81
CA GLY B 260 24.71 15.53 -29.11
C GLY B 260 23.87 14.57 -29.92
N ILE B 261 23.30 13.56 -29.28
CA ILE B 261 22.28 12.75 -29.96
C ILE B 261 20.97 13.48 -29.74
N ASP B 262 20.10 13.53 -30.73
CA ASP B 262 19.01 14.48 -30.55
C ASP B 262 17.78 13.86 -29.90
N ALA B 263 17.56 14.30 -28.66
CA ALA B 263 16.47 13.83 -27.81
C ALA B 263 16.41 14.46 -26.43
N LEU B 264 15.22 14.54 -25.87
CA LEU B 264 15.01 14.89 -24.46
C LEU B 264 13.64 14.33 -23.99
N ALA B 265 13.30 14.64 -22.73
CA ALA B 265 12.21 14.01 -21.94
C ALA B 265 10.69 14.32 -22.16
N TYR B 266 9.87 13.36 -21.72
CA TYR B 266 8.40 13.33 -21.74
C TYR B 266 7.91 12.68 -20.43
N HIS B 267 7.11 13.36 -19.60
CA HIS B 267 6.63 12.75 -18.32
C HIS B 267 5.67 13.63 -17.50
N ALA B 268 5.01 13.04 -16.51
CA ALA B 268 3.89 13.66 -15.79
C ALA B 268 4.14 14.92 -14.93
N GLY B 269 5.38 15.37 -14.74
CA GLY B 269 5.63 16.55 -13.89
C GLY B 269 5.90 17.87 -14.62
N LEU B 270 5.86 17.76 -15.93
CA LEU B 270 5.78 18.77 -16.95
C LEU B 270 4.55 19.71 -17.08
N SER B 271 4.69 21.03 -16.84
CA SER B 271 4.51 22.21 -17.71
C SER B 271 3.75 21.86 -18.95
N SER B 272 2.47 21.55 -18.95
CA SER B 272 2.12 20.45 -19.85
C SER B 272 1.73 20.70 -21.34
N THR B 273 1.78 21.88 -21.98
CA THR B 273 1.98 21.62 -23.41
C THR B 273 3.33 22.21 -23.72
N GLU B 274 4.27 21.48 -23.11
CA GLU B 274 5.58 21.08 -23.51
C GLU B 274 5.37 19.70 -24.14
N ARG B 275 4.36 18.95 -23.65
CA ARG B 275 4.03 17.65 -24.22
C ARG B 275 3.76 17.79 -25.70
N ASN B 276 2.64 18.41 -26.13
CA ASN B 276 2.37 18.49 -27.57
C ASN B 276 3.52 19.09 -28.34
N ASN B 277 4.29 19.95 -27.67
CA ASN B 277 5.58 20.46 -28.20
C ASN B 277 6.49 19.28 -28.45
N VAL B 278 6.86 18.61 -27.36
CA VAL B 278 7.64 17.37 -27.39
C VAL B 278 7.03 16.20 -28.18
N GLN B 279 5.70 16.04 -28.19
CA GLN B 279 5.15 14.83 -28.84
C GLN B 279 5.39 14.87 -30.35
N GLU B 280 4.98 15.86 -31.14
CA GLU B 280 5.31 15.69 -32.58
C GLU B 280 6.52 16.41 -33.06
N ARG B 281 7.30 16.99 -32.15
CA ARG B 281 8.70 17.16 -32.47
C ARG B 281 9.28 15.73 -32.59
N PHE B 282 8.65 14.75 -31.91
CA PHE B 282 9.02 13.33 -31.98
C PHE B 282 8.52 12.78 -33.28
N LEU B 283 7.29 13.09 -33.65
CA LEU B 283 6.73 12.41 -34.82
C LEU B 283 7.08 12.96 -36.17
N ASN B 284 8.18 13.71 -36.30
CA ASN B 284 8.64 14.12 -37.63
C ASN B 284 9.13 12.95 -38.59
N GLU B 285 9.91 11.89 -38.26
CA GLU B 285 10.74 11.61 -37.08
C GLU B 285 12.21 11.64 -37.51
N GLU B 286 13.04 12.26 -36.68
CA GLU B 286 14.40 12.67 -37.07
C GLU B 286 15.40 11.59 -36.77
N GLY B 287 14.93 10.54 -36.10
CA GLY B 287 15.81 9.90 -35.15
C GLY B 287 15.78 10.68 -33.84
N VAL B 288 14.57 11.03 -33.45
CA VAL B 288 14.29 11.59 -32.14
C VAL B 288 14.20 10.47 -31.13
N ILE B 289 14.62 10.75 -29.91
CA ILE B 289 14.53 9.73 -28.88
C ILE B 289 13.69 10.32 -27.74
N VAL B 290 12.62 9.65 -27.37
CA VAL B 290 11.83 10.13 -26.24
C VAL B 290 12.25 9.45 -24.95
N CYS B 291 12.43 10.23 -23.88
CA CYS B 291 12.63 9.66 -22.56
C CYS B 291 11.34 9.72 -21.76
N ALA B 292 10.67 8.59 -21.59
CA ALA B 292 9.34 8.57 -20.99
C ALA B 292 9.32 7.85 -19.66
N THR B 293 8.20 7.91 -18.96
CA THR B 293 7.98 7.04 -17.80
C THR B 293 6.94 5.97 -18.23
N VAL B 294 5.65 6.31 -18.23
CA VAL B 294 4.67 5.53 -19.01
C VAL B 294 3.96 6.47 -20.01
N ALA B 295 4.32 6.32 -21.29
CA ALA B 295 3.86 7.21 -22.37
C ALA B 295 2.40 7.01 -22.80
N ASP B 301 0.39 4.53 -30.18
CA ASP B 301 -0.34 5.36 -31.14
C ASP B 301 0.61 6.32 -31.85
N LYS B 302 1.89 5.94 -31.87
CA LYS B 302 2.92 6.62 -32.64
C LYS B 302 3.81 5.69 -33.52
N PRO B 303 4.59 6.32 -34.40
CA PRO B 303 4.56 6.07 -35.83
C PRO B 303 5.16 4.82 -36.42
N ASN B 304 6.46 4.66 -36.20
CA ASN B 304 7.26 3.51 -36.58
C ASN B 304 8.49 3.58 -35.67
N VAL B 305 8.91 2.50 -35.05
CA VAL B 305 10.01 2.69 -34.12
C VAL B 305 11.08 1.63 -34.32
N ARG B 306 12.31 2.07 -34.41
CA ARG B 306 13.42 1.17 -34.62
C ARG B 306 13.86 0.54 -33.29
N PHE B 307 13.86 1.32 -32.22
CA PHE B 307 14.14 0.72 -30.94
C PHE B 307 13.29 1.23 -29.77
N VAL B 308 12.91 0.30 -28.89
CA VAL B 308 12.47 0.67 -27.55
C VAL B 308 13.55 0.25 -26.56
N ALA B 309 13.92 1.15 -25.67
CA ALA B 309 14.95 0.86 -24.69
C ALA B 309 14.44 1.01 -23.26
N HIS B 310 14.64 -0.01 -22.44
CA HIS B 310 14.31 0.09 -21.03
C HIS B 310 15.56 0.19 -20.17
N LEU B 311 15.73 1.26 -19.43
CA LEU B 311 16.86 1.37 -18.53
C LEU B 311 16.49 0.95 -17.12
N ASP B 312 15.29 0.39 -16.98
CA ASP B 312 14.81 -0.02 -15.68
C ASP B 312 13.91 -1.21 -15.92
N LEU B 313 13.60 -1.96 -14.87
CA LEU B 313 12.67 -3.06 -15.08
C LEU B 313 11.30 -2.50 -15.14
N PRO B 314 10.49 -2.95 -16.10
CA PRO B 314 9.05 -2.64 -16.05
C PRO B 314 8.46 -3.37 -14.85
N LYS B 315 7.26 -3.03 -14.40
CA LYS B 315 6.73 -3.74 -13.24
C LYS B 315 5.86 -4.94 -13.59
N SER B 316 5.63 -5.16 -14.87
CA SER B 316 4.94 -6.39 -15.27
C SER B 316 5.37 -6.80 -16.66
N MET B 317 5.11 -8.04 -17.03
CA MET B 317 5.32 -8.38 -18.41
C MET B 317 4.30 -7.72 -19.33
N GLU B 318 3.11 -7.47 -18.80
CA GLU B 318 2.08 -6.75 -19.55
C GLU B 318 2.62 -5.35 -19.87
N GLY B 319 3.00 -4.63 -18.83
CA GLY B 319 3.65 -3.35 -19.01
C GLY B 319 4.84 -3.43 -19.96
N TYR B 320 5.66 -4.46 -19.82
CA TYR B 320 6.81 -4.62 -20.69
C TYR B 320 6.40 -4.82 -22.14
N TYR B 321 5.53 -5.81 -22.36
CA TYR B 321 5.06 -6.11 -23.69
C TYR B 321 4.41 -4.88 -24.39
N GLN B 322 3.67 -4.08 -23.65
CA GLN B 322 2.95 -3.01 -24.31
C GLN B 322 3.94 -1.91 -24.72
N GLU B 323 4.90 -1.60 -23.85
CA GLU B 323 5.87 -0.54 -24.13
C GLU B 323 6.84 -0.93 -25.22
N THR B 324 7.26 -2.20 -25.27
CA THR B 324 8.20 -2.61 -26.28
C THR B 324 7.45 -2.80 -27.57
N GLY B 325 6.18 -3.12 -27.43
CA GLY B 325 5.37 -3.47 -28.59
C GLY B 325 5.00 -2.25 -29.37
N ARG B 326 5.31 -1.11 -28.76
CA ARG B 326 5.18 0.19 -29.39
C ARG B 326 6.12 0.34 -30.59
N ALA B 327 7.22 -0.40 -30.60
CA ALA B 327 8.19 -0.31 -31.68
C ALA B 327 7.79 -1.01 -32.96
N GLY B 328 8.16 -0.41 -34.09
CA GLY B 328 8.19 -1.14 -35.34
C GLY B 328 6.86 -1.68 -35.79
N ARG B 329 5.88 -0.78 -35.94
CA ARG B 329 4.59 -1.15 -36.53
C ARG B 329 4.57 -0.81 -38.02
N ASP B 330 5.63 -0.18 -38.53
CA ASP B 330 5.91 -0.38 -39.95
C ASP B 330 6.31 -1.86 -39.98
N GLY B 331 5.81 -2.64 -40.94
CA GLY B 331 5.90 -4.09 -40.84
C GLY B 331 7.27 -4.79 -40.78
N LEU B 332 8.35 -4.02 -40.95
CA LEU B 332 9.70 -4.60 -41.06
C LEU B 332 10.73 -4.05 -40.03
N PRO B 333 11.77 -4.87 -39.70
CA PRO B 333 12.53 -4.96 -38.44
C PRO B 333 13.02 -3.75 -37.64
N SER B 334 12.92 -3.99 -36.33
CA SER B 334 13.33 -3.09 -35.27
C SER B 334 13.69 -3.92 -34.01
N THR B 335 14.37 -3.34 -33.02
CA THR B 335 14.75 -4.12 -31.82
C THR B 335 14.34 -3.51 -30.46
N ALA B 336 13.97 -4.40 -29.54
CA ALA B 336 13.69 -4.03 -28.15
C ALA B 336 14.85 -4.40 -27.22
N TRP B 337 15.35 -3.40 -26.51
CA TRP B 337 16.60 -3.50 -25.77
C TRP B 337 16.38 -3.10 -24.32
N MET B 338 16.66 -3.99 -23.38
CA MET B 338 16.44 -3.64 -21.98
C MET B 338 17.58 -4.10 -21.05
N VAL B 339 17.90 -3.26 -20.08
CA VAL B 339 18.92 -3.61 -19.11
C VAL B 339 18.38 -3.29 -17.71
N TYR B 340 18.58 -4.19 -16.77
CA TYR B 340 18.01 -4.02 -15.44
C TYR B 340 19.07 -4.40 -14.43
N GLY B 341 19.00 -3.86 -13.23
CA GLY B 341 19.96 -4.22 -12.20
C GLY B 341 19.48 -5.21 -11.16
N LEU B 342 20.41 -6.01 -10.65
CA LEU B 342 20.07 -7.05 -9.67
C LEU B 342 19.73 -6.37 -8.36
N SER B 343 20.43 -5.25 -8.14
CA SER B 343 20.17 -4.32 -7.06
C SER B 343 18.69 -3.99 -6.97
N ASP B 344 18.22 -3.35 -8.03
CA ASP B 344 16.89 -2.82 -8.13
C ASP B 344 15.85 -3.86 -7.75
N VAL B 345 15.97 -5.06 -8.32
CA VAL B 345 15.00 -6.11 -8.07
C VAL B 345 14.76 -6.46 -6.60
N VAL B 346 15.83 -6.58 -5.82
CA VAL B 346 15.64 -6.87 -4.40
C VAL B 346 15.00 -5.71 -3.69
N ASN B 347 15.46 -4.50 -4.03
CA ASN B 347 14.90 -3.27 -3.51
C ASN B 347 13.41 -3.17 -3.78
N VAL B 348 12.96 -3.85 -4.83
CA VAL B 348 11.55 -3.93 -5.17
C VAL B 348 10.77 -4.87 -4.25
N ARG B 349 11.34 -6.03 -3.94
CA ARG B 349 10.65 -7.08 -3.19
C ARG B 349 10.40 -6.72 -1.73
N ARG B 350 11.37 -6.06 -1.10
CA ARG B 350 11.27 -5.67 0.30
C ARG B 350 10.45 -4.38 0.45
N MET B 351 10.44 -3.58 -0.61
CA MET B 351 9.55 -2.45 -0.71
C MET B 351 8.19 -3.05 -1.06
N LEU B 352 8.21 -4.27 -1.61
CA LEU B 352 6.96 -4.97 -1.89
C LEU B 352 6.51 -5.87 -0.72
N ALA B 353 7.17 -5.74 0.43
CA ALA B 353 6.62 -6.24 1.69
C ALA B 353 5.56 -5.25 2.26
N GLN B 354 5.85 -3.96 2.07
CA GLN B 354 4.89 -2.81 1.99
C GLN B 354 3.96 -2.19 3.07
N SER B 355 2.76 -1.96 2.56
CA SER B 355 1.69 -1.05 3.02
C SER B 355 0.90 -1.35 4.33
N ASP B 356 0.40 -2.57 4.54
CA ASP B 356 0.54 -3.63 3.53
C ASP B 356 -0.83 -4.07 3.05
N ALA B 357 -0.94 -3.98 1.72
CA ALA B 357 -2.14 -4.24 0.92
C ALA B 357 -2.53 -5.72 1.06
N PRO B 358 -3.74 -6.09 0.58
CA PRO B 358 -4.15 -7.50 0.76
C PRO B 358 -3.06 -8.46 0.33
N GLU B 359 -2.94 -9.55 1.07
CA GLU B 359 -1.87 -10.49 0.83
C GLU B 359 -2.19 -11.23 -0.45
N GLU B 360 -3.48 -11.35 -0.74
CA GLU B 360 -3.91 -11.93 -2.01
C GLU B 360 -3.41 -11.05 -3.16
N VAL B 361 -3.34 -9.75 -2.92
CA VAL B 361 -2.89 -8.82 -3.92
C VAL B 361 -1.36 -8.87 -3.99
N LYS B 362 -0.71 -8.95 -2.83
CA LYS B 362 0.73 -9.13 -2.81
C LYS B 362 1.14 -10.39 -3.51
N ARG B 363 0.41 -11.47 -3.26
CA ARG B 363 0.72 -12.76 -3.85
C ARG B 363 0.73 -12.66 -5.36
N VAL B 364 -0.27 -11.97 -5.92
CA VAL B 364 -0.36 -11.87 -7.37
C VAL B 364 0.70 -10.95 -7.99
N GLU B 365 0.92 -9.79 -7.37
CA GLU B 365 1.85 -8.81 -7.89
C GLU B 365 3.26 -9.35 -7.82
N ALA B 366 3.57 -10.04 -6.74
CA ALA B 366 4.83 -10.76 -6.66
C ALA B 366 4.93 -11.88 -7.71
N SER B 367 3.82 -12.55 -8.00
CA SER B 367 3.84 -13.54 -9.06
C SER B 367 4.19 -12.96 -10.42
N LYS B 368 3.58 -11.85 -10.76
CA LYS B 368 3.79 -11.27 -12.08
C LYS B 368 5.23 -10.76 -12.19
N LEU B 369 5.82 -10.35 -11.08
CA LEU B 369 7.23 -9.94 -11.11
C LEU B 369 8.14 -11.14 -11.38
N ASP B 370 7.87 -12.26 -10.70
CA ASP B 370 8.61 -13.48 -10.94
C ASP B 370 8.56 -13.88 -12.40
N ALA B 371 7.41 -13.70 -13.04
CA ALA B 371 7.32 -14.07 -14.44
C ALA B 371 8.27 -13.21 -15.27
N LEU B 372 8.36 -11.94 -14.90
CA LEU B 372 9.10 -10.95 -15.61
C LEU B 372 10.63 -11.20 -15.49
N LEU B 373 11.03 -11.50 -14.27
CA LEU B 373 12.38 -11.87 -13.91
C LEU B 373 12.80 -13.13 -14.62
N THR B 374 11.95 -14.13 -14.58
CA THR B 374 12.20 -15.40 -15.20
C THR B 374 12.36 -15.23 -16.71
N TYR B 375 11.60 -14.34 -17.31
CA TYR B 375 11.77 -14.03 -18.72
C TYR B 375 13.12 -13.37 -19.00
N CYS B 376 13.56 -12.48 -18.12
CA CYS B 376 14.83 -11.80 -18.28
C CYS B 376 15.92 -12.86 -18.30
N GLU B 377 15.77 -13.79 -17.37
CA GLU B 377 16.75 -14.80 -17.11
C GLU B 377 16.63 -15.97 -18.07
N ALA B 378 15.81 -15.82 -19.12
CA ALA B 378 15.58 -16.96 -20.00
C ALA B 378 16.90 -17.55 -20.56
N ALA B 379 17.07 -18.85 -20.39
CA ALA B 379 18.26 -19.54 -20.90
C ALA B 379 18.06 -20.12 -22.29
N THR B 380 16.82 -20.11 -22.77
CA THR B 380 16.51 -20.54 -24.13
C THR B 380 15.62 -19.46 -24.69
N CYS B 381 15.15 -19.64 -25.93
CA CYS B 381 14.57 -18.53 -26.71
C CYS B 381 13.58 -17.72 -25.90
N ARG B 382 13.84 -16.42 -25.80
CA ARG B 382 13.10 -15.62 -24.85
C ARG B 382 11.78 -15.20 -25.48
N ARG B 383 11.66 -15.37 -26.78
CA ARG B 383 10.40 -15.05 -27.43
C ARG B 383 9.33 -16.13 -27.12
N GLN B 384 9.70 -17.41 -27.13
CA GLN B 384 8.72 -18.40 -26.74
C GLN B 384 8.40 -18.29 -25.23
N VAL B 385 9.36 -17.90 -24.40
CA VAL B 385 9.02 -17.60 -23.01
C VAL B 385 8.01 -16.44 -22.89
N LEU B 386 8.30 -15.33 -23.58
CA LEU B 386 7.44 -14.14 -23.54
C LEU B 386 5.99 -14.48 -23.93
N LEU B 387 5.85 -15.25 -25.00
CA LEU B 387 4.54 -15.60 -25.50
C LEU B 387 3.86 -16.61 -24.60
N HIS B 388 4.59 -17.59 -24.08
CA HIS B 388 3.95 -18.63 -23.27
C HIS B 388 3.25 -17.99 -22.10
N TYR B 389 3.75 -16.84 -21.66
CA TYR B 389 3.11 -16.10 -20.59
C TYR B 389 1.76 -15.57 -21.05
N PHE B 390 1.64 -15.30 -22.33
CA PHE B 390 0.39 -14.73 -22.82
C PHE B 390 -0.56 -15.73 -23.44
N GLY B 391 -0.17 -17.00 -23.53
CA GLY B 391 -1.05 -17.98 -24.12
C GLY B 391 -0.93 -18.19 -25.62
N GLU B 392 -0.13 -17.36 -26.29
CA GLU B 392 0.25 -17.62 -27.69
C GLU B 392 1.49 -18.50 -27.55
N GLU B 393 1.61 -19.55 -28.34
CA GLU B 393 2.74 -20.49 -28.17
C GLU B 393 3.51 -20.81 -29.45
N LEU B 394 4.84 -20.68 -29.37
CA LEU B 394 5.76 -20.88 -30.50
C LEU B 394 6.51 -22.21 -30.44
N SER B 395 6.42 -23.01 -31.50
CA SER B 395 6.89 -24.40 -31.47
C SER B 395 8.39 -24.53 -31.27
N GLU B 396 9.14 -23.93 -32.17
CA GLU B 396 10.60 -23.98 -32.17
C GLU B 396 11.14 -22.55 -32.00
N PRO B 397 12.39 -22.42 -31.50
CA PRO B 397 13.07 -21.14 -31.24
C PRO B 397 13.05 -20.16 -32.42
N CYS B 398 12.96 -18.86 -32.11
CA CYS B 398 12.68 -17.88 -33.16
C CYS B 398 13.88 -17.57 -34.03
N GLY B 399 15.05 -17.51 -33.40
CA GLY B 399 16.27 -17.10 -34.07
C GLY B 399 16.40 -15.60 -34.21
N ASN B 400 15.36 -14.86 -33.84
CA ASN B 400 15.42 -13.39 -33.78
C ASN B 400 15.63 -12.74 -32.41
N CYS B 401 16.04 -13.50 -31.40
CA CYS B 401 16.25 -12.87 -30.10
C CYS B 401 17.68 -13.04 -29.60
N ASP B 402 18.05 -12.29 -28.56
CA ASP B 402 19.40 -12.27 -28.03
C ASP B 402 19.83 -13.60 -27.39
N VAL B 403 18.86 -14.40 -26.96
CA VAL B 403 19.15 -15.71 -26.41
C VAL B 403 19.44 -16.70 -27.53
N CYS B 404 18.64 -16.57 -28.58
CA CYS B 404 18.78 -17.33 -29.82
C CYS B 404 20.13 -17.05 -30.50
N LEU B 405 20.40 -15.78 -30.82
CA LEU B 405 21.59 -15.42 -31.59
C LEU B 405 22.89 -15.52 -30.79
N ASN B 406 22.85 -15.13 -29.52
CA ASN B 406 24.05 -15.21 -28.71
C ASN B 406 23.85 -16.01 -27.43
N PRO B 407 23.79 -17.34 -27.59
CA PRO B 407 23.42 -18.23 -26.49
C PRO B 407 24.28 -18.01 -25.27
N PRO B 408 23.63 -17.81 -24.11
CA PRO B 408 24.32 -17.51 -22.85
C PRO B 408 24.94 -18.79 -22.30
N ARG B 409 25.62 -18.67 -21.17
CA ARG B 409 26.19 -19.88 -20.62
C ARG B 409 25.20 -20.45 -19.61
N VAL B 410 24.71 -21.62 -20.00
CA VAL B 410 23.66 -22.34 -19.30
C VAL B 410 24.22 -23.66 -18.78
N ARG B 411 23.68 -24.08 -17.65
CA ARG B 411 24.06 -25.28 -16.94
C ARG B 411 22.88 -26.27 -16.84
N ASP B 412 23.14 -27.57 -16.91
CA ASP B 412 22.07 -28.57 -17.13
C ASP B 412 21.45 -29.10 -15.83
N LEU B 413 20.23 -28.68 -15.54
CA LEU B 413 19.50 -29.15 -14.35
C LEU B 413 18.40 -30.21 -14.59
N THR B 414 18.41 -30.89 -15.74
CA THR B 414 17.38 -31.87 -16.09
C THR B 414 17.04 -32.88 -15.00
N ARG B 415 17.99 -33.30 -14.19
CA ARG B 415 17.61 -34.25 -13.15
C ARG B 415 16.79 -33.57 -12.08
N GLU B 416 17.17 -32.35 -11.74
CA GLU B 416 16.45 -31.57 -10.76
C GLU B 416 15.07 -31.24 -11.31
N ALA B 417 15.00 -31.14 -12.63
CA ALA B 417 13.72 -30.97 -13.30
C ALA B 417 12.86 -32.14 -12.94
N GLN B 418 13.41 -33.34 -13.12
CA GLN B 418 12.71 -34.58 -12.79
C GLN B 418 12.27 -34.71 -11.34
N MET B 419 13.16 -34.44 -10.38
CA MET B 419 12.76 -34.51 -8.98
C MET B 419 11.54 -33.60 -8.74
N ALA B 420 11.55 -32.42 -9.36
CA ALA B 420 10.50 -31.43 -9.17
C ALA B 420 9.21 -31.83 -9.87
N LEU B 421 9.33 -32.26 -11.12
CA LEU B 421 8.15 -32.66 -11.89
C LEU B 421 7.41 -33.84 -11.21
N SER B 422 8.14 -34.81 -10.71
CA SER B 422 7.49 -35.94 -10.07
C SER B 422 6.85 -35.52 -8.76
N ALA B 423 7.51 -34.66 -8.02
CA ALA B 423 6.97 -34.25 -6.73
C ALA B 423 5.59 -33.65 -6.88
N THR B 424 5.41 -32.76 -7.85
CA THR B 424 4.16 -32.05 -7.99
C THR B 424 3.03 -33.01 -8.44
N ILE B 425 3.39 -34.01 -9.24
CA ILE B 425 2.48 -35.03 -9.68
C ILE B 425 2.02 -35.91 -8.52
N ARG B 426 2.99 -36.56 -7.87
CA ARG B 426 2.70 -37.48 -6.80
C ARG B 426 2.03 -36.79 -5.63
N THR B 427 2.02 -35.48 -5.63
CA THR B 427 1.32 -34.77 -4.57
C THR B 427 -0.05 -34.35 -5.09
N GLY B 428 -0.31 -34.68 -6.35
CA GLY B 428 -1.64 -34.46 -6.89
C GLY B 428 -1.90 -33.03 -7.32
N ASN B 429 -0.86 -32.32 -7.76
CA ASN B 429 -1.03 -31.09 -8.49
C ASN B 429 -1.80 -30.01 -7.71
N ARG B 430 -1.84 -30.12 -6.38
CA ARG B 430 -2.52 -29.12 -5.55
C ARG B 430 -1.61 -28.13 -4.80
N PHE B 431 -0.31 -28.34 -4.77
CA PHE B 431 0.51 -27.58 -3.80
C PHE B 431 1.48 -26.56 -4.35
N GLY B 432 1.78 -25.57 -3.51
CA GLY B 432 2.56 -24.39 -3.90
C GLY B 432 4.07 -24.54 -3.91
N ALA B 433 4.73 -23.64 -4.64
CA ALA B 433 6.18 -23.77 -4.94
C ALA B 433 7.03 -23.86 -3.70
N ALA B 434 6.73 -23.03 -2.71
CA ALA B 434 7.36 -23.10 -1.40
C ALA B 434 7.11 -24.44 -0.74
N HIS B 435 5.86 -24.92 -0.76
CA HIS B 435 5.52 -26.20 -0.14
C HIS B 435 6.21 -27.35 -0.83
N LEU B 436 6.13 -27.39 -2.16
CA LEU B 436 6.80 -28.44 -2.91
C LEU B 436 8.27 -28.48 -2.49
N THR B 437 8.84 -27.28 -2.37
CA THR B 437 10.24 -27.10 -2.04
C THR B 437 10.59 -27.58 -0.64
N ASP B 438 9.72 -27.31 0.34
CA ASP B 438 9.84 -27.88 1.68
C ASP B 438 9.92 -29.41 1.63
N VAL B 439 9.25 -30.03 0.68
CA VAL B 439 9.28 -31.48 0.60
C VAL B 439 10.61 -32.01 0.08
N LEU B 440 11.04 -31.55 -1.09
CA LEU B 440 12.25 -32.07 -1.74
C LEU B 440 13.49 -31.84 -0.86
N LEU B 441 13.41 -30.84 0.00
CA LEU B 441 14.46 -30.57 0.94
C LEU B 441 14.42 -31.55 2.08
N GLY B 442 13.20 -31.90 2.50
CA GLY B 442 12.99 -32.75 3.65
C GLY B 442 12.57 -31.97 4.88
N ARG B 443 12.30 -30.68 4.70
CA ARG B 443 11.83 -29.88 5.82
C ARG B 443 10.43 -30.33 6.26
N GLU B 444 10.28 -30.63 7.54
CA GLU B 444 8.95 -30.95 8.03
C GLU B 444 8.35 -29.72 8.71
N THR B 445 7.46 -29.04 7.99
CA THR B 445 6.64 -27.97 8.56
C THR B 445 5.46 -28.59 9.32
N ASP B 446 4.80 -27.81 10.18
CA ASP B 446 3.53 -28.26 10.73
C ASP B 446 2.48 -28.30 9.63
N LYS B 447 2.81 -27.74 8.47
CA LYS B 447 2.00 -27.94 7.29
C LYS B 447 2.47 -29.07 6.37
N VAL B 448 3.69 -29.57 6.56
CA VAL B 448 4.18 -30.66 5.70
C VAL B 448 3.73 -32.01 6.19
N LEU B 449 3.76 -32.18 7.51
CA LEU B 449 3.32 -33.44 8.10
C LEU B 449 1.80 -33.46 8.07
N ALA B 450 1.20 -32.27 8.20
CA ALA B 450 -0.25 -32.09 8.18
C ALA B 450 -0.84 -32.77 6.95
N GLN B 451 -0.07 -32.82 5.87
CA GLN B 451 -0.50 -33.46 4.64
C GLN B 451 0.05 -34.88 4.58
N GLY B 452 0.71 -35.32 5.64
CA GLY B 452 1.29 -36.65 5.69
C GLY B 452 2.39 -36.85 4.68
N HIS B 453 2.87 -35.75 4.12
CA HIS B 453 3.92 -35.76 3.11
C HIS B 453 5.26 -36.14 3.68
N HIS B 454 5.35 -36.04 5.00
CA HIS B 454 6.65 -35.93 5.65
C HIS B 454 7.59 -37.10 5.49
N GLN B 455 7.13 -38.30 5.14
CA GLN B 455 7.81 -39.00 4.04
C GLN B 455 6.83 -39.68 3.08
N LEU B 456 6.81 -39.13 1.88
CA LEU B 456 6.45 -39.84 0.66
C LEU B 456 7.77 -40.46 0.20
N PRO B 457 7.74 -41.40 -0.74
CA PRO B 457 9.02 -41.89 -1.29
C PRO B 457 9.95 -40.77 -1.83
N THR B 458 9.37 -39.67 -2.30
CA THR B 458 10.14 -38.55 -2.82
C THR B 458 10.53 -37.55 -1.74
N PHE B 459 10.25 -37.84 -0.47
CA PHE B 459 10.61 -36.88 0.59
C PHE B 459 12.09 -36.76 0.74
N GLY B 460 12.55 -35.50 0.76
CA GLY B 460 13.94 -35.13 0.84
C GLY B 460 14.86 -35.55 -0.30
N VAL B 461 14.31 -35.92 -1.45
CA VAL B 461 15.20 -36.38 -2.52
C VAL B 461 15.98 -35.22 -3.14
N GLY B 462 15.51 -33.99 -2.92
CA GLY B 462 16.22 -32.81 -3.39
C GLY B 462 17.09 -32.18 -2.30
N LYS B 463 17.47 -32.99 -1.32
CA LYS B 463 18.11 -32.49 -0.12
C LYS B 463 19.53 -31.98 -0.42
N GLU B 464 20.11 -32.41 -1.55
CA GLU B 464 21.42 -31.91 -1.98
C GLU B 464 21.49 -30.37 -2.10
N HIS B 465 20.40 -29.73 -2.51
CA HIS B 465 20.43 -28.31 -2.84
C HIS B 465 19.77 -27.45 -1.77
N ASP B 466 19.65 -26.15 -2.03
CA ASP B 466 19.06 -25.23 -1.05
C ASP B 466 17.69 -24.82 -1.53
N GLU B 467 17.03 -24.01 -0.73
CA GLU B 467 15.71 -23.47 -1.09
C GLU B 467 15.78 -22.73 -2.42
N LYS B 468 16.71 -21.78 -2.51
CA LYS B 468 16.84 -20.94 -3.70
C LYS B 468 16.95 -21.70 -5.00
N LEU B 469 17.65 -22.83 -5.00
CA LEU B 469 17.77 -23.55 -6.25
C LEU B 469 16.44 -24.16 -6.66
N TRP B 470 15.71 -24.69 -5.70
CA TRP B 470 14.45 -25.37 -6.03
C TRP B 470 13.39 -24.37 -6.45
N ARG B 471 13.31 -23.22 -5.77
CA ARG B 471 12.39 -22.16 -6.20
C ARG B 471 12.73 -21.70 -7.62
N SER B 472 14.00 -21.70 -8.00
CA SER B 472 14.38 -21.20 -9.34
C SER B 472 13.92 -22.17 -10.40
N VAL B 473 14.16 -23.44 -10.15
CA VAL B 473 13.80 -24.47 -11.10
C VAL B 473 12.30 -24.52 -11.28
N LEU B 474 11.60 -24.38 -10.16
CA LEU B 474 10.15 -24.35 -10.15
C LEU B 474 9.69 -23.22 -11.06
N ARG B 475 10.15 -22.01 -10.79
CA ARG B 475 9.81 -20.85 -11.61
C ARG B 475 10.02 -21.10 -13.10
N GLN B 476 11.16 -21.71 -13.42
CA GLN B 476 11.55 -21.88 -14.80
C GLN B 476 10.70 -22.90 -15.52
N LEU B 477 10.34 -23.97 -14.82
CA LEU B 477 9.48 -25.01 -15.37
C LEU B 477 8.10 -24.46 -15.68
N VAL B 478 7.55 -23.70 -14.74
CA VAL B 478 6.35 -22.92 -14.99
C VAL B 478 6.52 -22.08 -16.25
N SER B 479 7.67 -21.40 -16.33
CA SER B 479 7.97 -20.46 -17.40
C SER B 479 8.04 -21.07 -18.78
N LEU B 480 8.53 -22.30 -18.80
CA LEU B 480 8.75 -23.04 -20.04
C LEU B 480 7.55 -23.87 -20.43
N GLY B 481 6.55 -23.88 -19.56
CA GLY B 481 5.35 -24.65 -19.82
C GLY B 481 5.36 -26.11 -19.36
N TYR B 482 6.37 -26.50 -18.60
CA TYR B 482 6.41 -27.86 -18.07
C TYR B 482 5.57 -27.94 -16.78
N LEU B 483 5.25 -26.78 -16.23
CA LEU B 483 4.43 -26.70 -15.01
C LEU B 483 3.44 -25.59 -15.18
N SER B 484 2.32 -25.70 -14.49
CA SER B 484 1.31 -24.67 -14.59
C SER B 484 0.87 -24.21 -13.22
N ALA B 485 0.75 -22.90 -13.07
CA ALA B 485 0.39 -22.29 -11.79
C ALA B 485 -1.06 -21.87 -11.83
N ASP B 486 -1.87 -22.52 -11.00
CA ASP B 486 -3.29 -22.23 -11.03
C ASP B 486 -3.91 -22.04 -9.66
N ASP B 487 -4.70 -20.97 -9.56
CA ASP B 487 -4.61 -20.05 -8.43
C ASP B 487 -4.97 -20.67 -7.12
N HIS B 488 -4.71 -19.91 -6.06
CA HIS B 488 -4.22 -20.46 -4.78
C HIS B 488 -2.75 -20.85 -5.02
N PHE B 489 -2.29 -20.58 -6.25
CA PHE B 489 -0.94 -20.85 -6.75
C PHE B 489 -0.37 -22.21 -6.46
N GLY B 490 -1.14 -23.23 -6.78
CA GLY B 490 -0.68 -24.58 -6.61
C GLY B 490 -0.22 -24.94 -8.00
N LEU B 491 0.62 -25.95 -8.08
CA LEU B 491 1.34 -26.15 -9.31
C LEU B 491 1.00 -27.49 -9.86
N ARG B 492 0.55 -27.49 -11.11
CA ARG B 492 0.14 -28.70 -11.78
C ARG B 492 1.16 -29.11 -12.81
N ALA B 493 1.36 -30.40 -12.97
CA ALA B 493 2.03 -30.91 -14.17
C ALA B 493 1.20 -30.64 -15.41
N THR B 494 1.87 -30.55 -16.55
CA THR B 494 1.17 -30.26 -17.80
C THR B 494 1.37 -31.36 -18.82
N GLY B 495 0.79 -31.19 -19.99
CA GLY B 495 0.90 -32.16 -21.06
C GLY B 495 2.30 -32.25 -21.61
N LYS B 496 3.06 -31.18 -21.39
CA LYS B 496 4.43 -31.05 -21.86
C LYS B 496 5.38 -31.74 -20.89
N SER B 497 4.93 -31.89 -19.65
CA SER B 497 5.73 -32.44 -18.56
C SER B 497 6.40 -33.78 -18.82
N ARG B 498 5.76 -34.63 -19.63
CA ARG B 498 6.27 -36.00 -19.82
C ARG B 498 7.63 -35.95 -20.52
N GLY B 499 7.83 -34.94 -21.37
CA GLY B 499 9.08 -34.77 -22.10
C GLY B 499 10.31 -34.71 -21.21
N ILE B 500 10.20 -34.03 -20.08
CA ILE B 500 11.32 -33.96 -19.15
C ILE B 500 11.44 -35.23 -18.32
N LEU B 501 10.30 -35.85 -18.02
CA LEU B 501 10.26 -37.10 -17.27
C LEU B 501 10.58 -38.32 -18.17
N LYS B 502 10.18 -38.25 -19.44
CA LYS B 502 10.56 -39.22 -20.49
C LYS B 502 12.06 -39.42 -20.57
N GLU B 503 12.77 -38.45 -19.98
CA GLU B 503 14.20 -38.12 -20.12
C GLU B 503 14.54 -37.34 -21.40
N GLY B 504 13.68 -37.42 -22.43
CA GLY B 504 14.08 -37.01 -23.76
C GLY B 504 14.58 -35.57 -23.87
N GLN B 505 14.06 -34.70 -23.00
CA GLN B 505 14.32 -33.26 -23.08
C GLN B 505 15.03 -32.71 -21.86
N LYS B 506 15.74 -31.60 -22.05
CA LYS B 506 16.58 -31.05 -21.00
C LYS B 506 16.02 -29.74 -20.43
N LEU B 507 16.37 -29.47 -19.18
CA LEU B 507 16.11 -28.18 -18.58
C LEU B 507 17.42 -27.43 -18.35
N LEU B 508 17.58 -26.28 -19.03
CA LEU B 508 18.76 -25.45 -18.84
C LEU B 508 18.45 -24.25 -17.94
N LEU B 509 19.41 -23.85 -17.13
CA LEU B 509 19.40 -22.60 -16.39
C LEU B 509 20.66 -21.78 -16.67
N ARG B 510 20.54 -20.45 -16.61
CA ARG B 510 21.68 -19.53 -16.73
C ARG B 510 22.59 -19.70 -15.54
N GLU B 511 23.90 -19.68 -15.76
CA GLU B 511 24.86 -19.89 -14.71
C GLU B 511 24.74 -18.86 -13.57
N ASP B 512 23.97 -17.81 -13.79
CA ASP B 512 23.29 -17.10 -12.68
C ASP B 512 21.76 -17.46 -12.69
N THR B 513 21.27 -18.29 -11.76
CA THR B 513 21.88 -18.50 -10.44
C THR B 513 23.10 -19.46 -10.27
N LEU B 514 24.07 -18.90 -9.54
CA LEU B 514 25.35 -19.49 -9.25
C LEU B 514 25.09 -20.64 -8.30
#